data_9HQO
#
_entry.id   9HQO
#
_cell.length_a   1.00
_cell.length_b   1.00
_cell.length_c   1.00
_cell.angle_alpha   90.00
_cell.angle_beta   90.00
_cell.angle_gamma   90.00
#
_symmetry.space_group_name_H-M   'P 1'
#
_entity_poly.entity_id   1
_entity_poly.type   'polypeptide(L)'
_entity_poly.pdbx_seq_one_letter_code
;LLIFIYLLLMAVAVFLVYQTIMDFREKLKHPVMSVSYKEVDRYDAPGIALYPGQAQLLSCKHYYEVIPPLRSPGQPGDVN
CTTQRVNYTDPFSNQTLKSALIVRGPREVQKRELVFLQFRLNQSSEDFSAIDYLLFSSFQEFLQSPDRAGFMQACESAYS
SWKFSGGFRTWVKMSLVETKEEDGREAVEFRQETSVVNYIDQRPAAEKSAQLFFVVFEWKDPFIQKVQDIITANPWNTIA
LLCGAFLALFKAAEFAKLSVKWMA
;
_entity_poly.pdbx_strand_id   A,B,C
#
# COMPACT_ATOMS: atom_id res chain seq x y z
N LEU A 1 4.78 42.79 -49.39
CA LEU A 1 4.79 41.71 -50.37
C LEU A 1 6.05 40.85 -50.23
N LEU A 2 6.19 40.22 -49.06
CA LEU A 2 7.32 39.36 -48.75
C LEU A 2 6.81 37.99 -48.32
N ILE A 3 7.72 37.16 -47.82
CA ILE A 3 7.35 35.82 -47.36
C ILE A 3 6.37 35.91 -46.19
N PHE A 4 6.58 36.89 -45.31
CA PHE A 4 5.72 37.09 -44.13
C PHE A 4 5.69 35.85 -43.25
N ILE A 5 6.82 35.14 -43.19
CA ILE A 5 6.95 34.02 -42.26
C ILE A 5 7.09 34.49 -40.82
N TYR A 6 7.32 35.79 -40.61
CA TYR A 6 7.36 36.32 -39.25
C TYR A 6 6.03 36.11 -38.54
N LEU A 7 4.92 36.16 -39.27
CA LEU A 7 3.62 35.92 -38.66
C LEU A 7 3.50 34.48 -38.15
N LEU A 8 3.93 33.52 -38.98
CA LEU A 8 3.93 32.12 -38.55
C LEU A 8 4.87 31.91 -37.38
N LEU A 9 6.01 32.60 -37.39
CA LEU A 9 6.96 32.50 -36.29
C LEU A 9 6.35 33.03 -35.00
N MET A 10 5.65 34.16 -35.08
CA MET A 10 4.98 34.71 -33.90
C MET A 10 3.90 33.76 -33.39
N ALA A 11 3.14 33.15 -34.31
CA ALA A 11 2.14 32.19 -33.90
C ALA A 11 2.76 30.98 -33.20
N VAL A 12 3.88 30.48 -33.74
CA VAL A 12 4.58 29.36 -33.11
C VAL A 12 5.08 29.75 -31.74
N ALA A 13 5.64 30.96 -31.61
CA ALA A 13 6.12 31.42 -30.31
C ALA A 13 4.98 31.52 -29.31
N VAL A 14 3.83 32.05 -29.73
CA VAL A 14 2.68 32.18 -28.84
C VAL A 14 2.20 30.81 -28.39
N PHE A 15 2.10 29.87 -29.34
CA PHE A 15 1.66 28.52 -28.99
C PHE A 15 2.63 27.85 -28.03
N LEU A 16 3.93 27.99 -28.28
CA LEU A 16 4.93 27.36 -27.42
C LEU A 16 4.90 27.96 -26.01
N VAL A 17 4.78 29.28 -25.91
CA VAL A 17 4.69 29.92 -24.60
C VAL A 17 3.44 29.47 -23.87
N TYR A 18 2.30 29.42 -24.57
CA TYR A 18 1.06 28.99 -23.95
C TYR A 18 1.17 27.56 -23.42
N GLN A 19 1.68 26.65 -24.25
CA GLN A 19 1.79 25.26 -23.82
C GLN A 19 2.80 25.12 -22.68
N THR A 20 3.87 25.91 -22.69
CA THR A 20 4.84 25.85 -21.60
C THR A 20 4.23 26.34 -20.30
N ILE A 21 3.44 27.42 -20.34
CA ILE A 21 2.77 27.90 -19.14
C ILE A 21 1.79 26.87 -18.61
N MET A 22 1.00 26.25 -19.51
CA MET A 22 0.05 25.24 -19.06
C MET A 22 0.76 24.02 -18.47
N ASP A 23 1.84 23.58 -19.11
CA ASP A 23 2.59 22.44 -18.60
C ASP A 23 3.21 22.75 -17.24
N PHE A 24 3.77 23.94 -17.07
CA PHE A 24 4.33 24.32 -15.78
C PHE A 24 3.25 24.37 -14.71
N ARG A 25 2.08 24.92 -15.05
CA ARG A 25 0.99 25.00 -14.08
C ARG A 25 0.52 23.61 -13.66
N GLU A 26 0.37 22.69 -14.62
CA GLU A 26 -0.12 21.37 -14.27
C GLU A 26 0.95 20.54 -13.56
N LYS A 27 2.23 20.82 -13.81
CA LYS A 27 3.27 20.14 -13.04
C LYS A 27 3.36 20.69 -11.62
N LEU A 28 3.13 21.99 -11.45
CA LEU A 28 3.09 22.56 -10.11
C LEU A 28 1.88 22.08 -9.32
N LYS A 29 0.76 21.84 -10.01
CA LYS A 29 -0.44 21.37 -9.33
C LYS A 29 -0.27 19.94 -8.80
N HIS A 30 0.40 19.08 -9.56
CA HIS A 30 0.52 17.66 -9.21
C HIS A 30 1.99 17.30 -8.97
N PRO A 31 2.46 17.37 -7.73
CA PRO A 31 3.80 16.86 -7.43
C PRO A 31 3.85 15.35 -7.56
N VAL A 32 5.04 14.86 -7.92
CA VAL A 32 5.25 13.41 -7.99
C VAL A 32 5.72 12.92 -6.64
N MET A 33 5.64 11.61 -6.42
CA MET A 33 6.03 11.03 -5.14
C MET A 33 7.13 10.00 -5.33
N SER A 34 8.05 9.96 -4.36
CA SER A 34 9.22 9.09 -4.41
C SER A 34 9.32 8.34 -3.09
N VAL A 35 9.65 7.05 -3.16
CA VAL A 35 9.79 6.21 -1.98
C VAL A 35 11.21 5.66 -1.94
N SER A 36 11.86 5.78 -0.79
CA SER A 36 13.18 5.22 -0.55
C SER A 36 13.16 4.44 0.75
N TYR A 37 14.19 3.62 0.94
CA TYR A 37 14.27 2.75 2.11
C TYR A 37 15.60 2.99 2.81
N LYS A 38 15.55 3.33 4.10
CA LYS A 38 16.74 3.52 4.91
C LYS A 38 16.88 2.32 5.83
N GLU A 39 18.02 1.64 5.75
CA GLU A 39 18.28 0.47 6.58
C GLU A 39 18.84 0.90 7.92
N VAL A 40 18.20 0.47 9.00
CA VAL A 40 18.62 0.78 10.36
C VAL A 40 18.89 -0.54 11.08
N ASP A 41 20.04 -0.64 11.74
CA ASP A 41 20.39 -1.86 12.45
C ASP A 41 19.58 -2.02 13.73
N ARG A 42 19.34 -0.91 14.44
CA ARG A 42 18.60 -0.94 15.70
C ARG A 42 17.62 0.22 15.72
N TYR A 43 16.33 -0.10 15.75
CA TYR A 43 15.32 0.94 15.88
C TYR A 43 15.39 1.57 17.26
N ASP A 44 14.96 2.82 17.34
CA ASP A 44 14.78 3.46 18.63
C ASP A 44 13.58 2.84 19.34
N ALA A 45 13.68 2.70 20.66
CA ALA A 45 12.67 2.02 21.45
C ALA A 45 11.31 2.70 21.29
N PRO A 46 10.36 2.06 20.61
CA PRO A 46 9.05 2.69 20.43
C PRO A 46 8.23 2.63 21.70
N GLY A 47 7.24 3.53 21.76
CA GLY A 47 6.30 3.55 22.87
C GLY A 47 4.98 2.95 22.45
N ILE A 48 4.49 2.01 23.24
CA ILE A 48 3.22 1.35 23.00
C ILE A 48 2.28 1.77 24.12
N ALA A 49 1.32 2.63 23.80
CA ALA A 49 0.33 3.09 24.76
C ALA A 49 -0.87 2.14 24.69
N LEU A 50 -1.00 1.28 25.68
CA LEU A 50 -2.12 0.35 25.79
C LEU A 50 -3.21 0.98 26.63
N TYR A 51 -4.45 0.60 26.36
CA TYR A 51 -5.61 1.17 27.06
C TYR A 51 -6.45 0.04 27.64
N PRO A 52 -5.96 -0.59 28.73
CA PRO A 52 -6.78 -1.61 29.40
C PRO A 52 -7.85 -0.95 30.25
N GLY A 53 -9.10 -1.31 29.99
CA GLY A 53 -10.20 -0.77 30.77
C GLY A 53 -10.13 -1.23 32.21
N GLN A 54 -10.33 -2.53 32.44
CA GLN A 54 -10.15 -3.11 33.75
C GLN A 54 -9.20 -4.30 33.76
N ALA A 55 -8.80 -4.80 32.60
CA ALA A 55 -7.86 -5.92 32.56
C ALA A 55 -6.50 -5.51 33.10
N GLN A 56 -5.92 -6.36 33.94
CA GLN A 56 -4.62 -6.11 34.52
C GLN A 56 -3.55 -6.85 33.73
N LEU A 57 -2.40 -6.22 33.56
CA LEU A 57 -1.29 -6.81 32.81
C LEU A 57 -0.71 -7.95 33.62
N LEU A 58 -1.09 -9.18 33.29
CA LEU A 58 -0.53 -10.33 34.00
C LEU A 58 0.97 -10.44 33.78
N SER A 59 1.39 -10.35 32.52
CA SER A 59 2.80 -10.56 32.22
C SER A 59 3.22 -9.71 31.02
N CYS A 60 4.50 -9.38 30.99
CA CYS A 60 5.09 -8.73 29.82
C CYS A 60 6.59 -9.00 29.84
N LYS A 61 7.14 -9.41 28.71
CA LYS A 61 8.54 -9.76 28.64
C LYS A 61 9.13 -9.38 27.29
N HIS A 62 10.46 -9.22 27.27
CA HIS A 62 11.22 -9.03 26.05
C HIS A 62 11.80 -10.39 25.64
N TYR A 63 11.21 -10.98 24.62
CA TYR A 63 11.60 -12.27 24.11
C TYR A 63 12.42 -12.11 22.82
N TYR A 64 12.67 -13.23 22.16
CA TYR A 64 13.46 -13.28 20.93
C TYR A 64 12.68 -14.15 19.95
N GLU A 65 13.35 -14.59 18.89
CA GLU A 65 12.68 -15.17 17.72
C GLU A 65 11.63 -16.22 18.07
N VAL A 66 11.69 -16.81 19.26
CA VAL A 66 10.64 -17.72 19.73
C VAL A 66 10.15 -17.27 21.10
N ILE A 67 8.91 -17.64 21.41
CA ILE A 67 8.31 -17.47 22.72
C ILE A 67 8.19 -18.84 23.37
N PRO A 68 8.79 -19.07 24.54
CA PRO A 68 8.59 -20.34 25.21
C PRO A 68 7.13 -20.50 25.62
N PRO A 69 6.62 -21.73 25.67
CA PRO A 69 5.22 -21.93 26.05
C PRO A 69 4.96 -21.41 27.46
N LEU A 70 3.76 -20.87 27.65
CA LEU A 70 3.40 -20.27 28.93
C LEU A 70 3.40 -21.32 30.04
N ARG A 71 4.06 -21.01 31.15
CA ARG A 71 4.06 -21.91 32.29
C ARG A 71 2.72 -21.88 33.00
N SER A 72 2.11 -20.70 33.10
CA SER A 72 0.77 -20.56 33.68
C SER A 72 -0.05 -19.69 32.74
N PRO A 73 -0.96 -20.27 31.95
CA PRO A 73 -1.64 -19.50 30.89
C PRO A 73 -2.43 -18.30 31.39
N GLY A 74 -3.04 -18.38 32.57
CA GLY A 74 -3.94 -17.32 32.99
C GLY A 74 -3.78 -16.87 34.42
N GLN A 75 -2.56 -16.89 34.94
CA GLN A 75 -2.26 -16.46 36.29
C GLN A 75 -1.20 -15.37 36.28
N PRO A 76 -1.16 -14.53 37.31
CA PRO A 76 -0.18 -13.42 37.33
C PRO A 76 1.25 -13.94 37.20
N GLY A 77 1.94 -13.46 36.17
CA GLY A 77 3.31 -13.86 35.92
C GLY A 77 4.32 -12.81 36.34
N ASP A 78 5.24 -12.47 35.43
CA ASP A 78 6.29 -11.51 35.72
C ASP A 78 6.28 -10.41 34.67
N VAL A 79 6.32 -9.16 35.13
CA VAL A 79 6.47 -8.01 34.25
C VAL A 79 7.94 -7.61 34.26
N ASN A 80 8.57 -7.65 33.08
CA ASN A 80 10.03 -7.55 32.99
C ASN A 80 10.40 -6.54 31.88
N CYS A 81 9.80 -5.36 31.96
CA CYS A 81 10.18 -4.27 31.05
C CYS A 81 9.86 -2.94 31.74
N THR A 82 10.22 -1.86 31.05
CA THR A 82 9.95 -0.52 31.55
C THR A 82 8.55 -0.08 31.13
N THR A 83 7.66 0.07 32.11
CA THR A 83 6.30 0.51 31.85
C THR A 83 5.99 1.72 32.72
N GLN A 84 5.29 2.68 32.14
CA GLN A 84 4.81 3.86 32.84
C GLN A 84 3.30 3.94 32.72
N ARG A 85 2.70 4.86 33.48
CA ARG A 85 1.27 5.10 33.41
C ARG A 85 1.02 6.59 33.28
N VAL A 86 0.09 6.96 32.40
CA VAL A 86 -0.29 8.35 32.22
C VAL A 86 -1.80 8.46 32.22
N ASN A 87 -2.30 9.62 32.63
CA ASN A 87 -3.72 9.93 32.58
C ASN A 87 -3.89 11.25 31.83
N TYR A 88 -4.78 11.26 30.84
CA TYR A 88 -5.00 12.46 30.04
C TYR A 88 -6.45 12.50 29.60
N THR A 89 -6.77 13.42 28.71
CA THR A 89 -8.13 13.64 28.24
C THR A 89 -8.19 13.42 26.74
N ASP A 90 -9.30 12.84 26.28
CA ASP A 90 -9.48 12.59 24.87
C ASP A 90 -9.50 13.91 24.11
N PRO A 91 -8.64 14.11 23.10
CA PRO A 91 -8.65 15.38 22.36
C PRO A 91 -9.98 15.71 21.71
N PHE A 92 -10.72 14.70 21.22
CA PHE A 92 -11.98 14.99 20.56
C PHE A 92 -13.02 15.50 21.56
N SER A 93 -13.18 14.79 22.69
CA SER A 93 -14.17 15.15 23.70
C SER A 93 -13.48 15.27 25.04
N ASN A 94 -13.64 16.42 25.69
CA ASN A 94 -12.95 16.72 26.94
C ASN A 94 -13.68 16.16 28.17
N GLN A 95 -14.64 15.26 27.97
CA GLN A 95 -15.42 14.73 29.09
C GLN A 95 -15.07 13.28 29.43
N THR A 96 -13.99 12.74 28.86
CA THR A 96 -13.56 11.38 29.13
C THR A 96 -12.11 11.37 29.57
N LEU A 97 -11.81 10.54 30.57
CA LEU A 97 -10.46 10.39 31.10
C LEU A 97 -9.87 9.09 30.55
N LYS A 98 -8.70 9.19 29.91
CA LYS A 98 -8.02 8.05 29.32
C LYS A 98 -6.78 7.74 30.14
N SER A 99 -6.69 6.49 30.60
CA SER A 99 -5.52 5.99 31.31
C SER A 99 -4.75 5.08 30.38
N ALA A 100 -3.48 5.42 30.13
CA ALA A 100 -2.64 4.69 29.19
C ALA A 100 -1.48 4.06 29.95
N LEU A 101 -1.24 2.78 29.67
CA LEU A 101 -0.06 2.07 30.15
C LEU A 101 0.96 2.05 29.03
N ILE A 102 2.08 2.72 29.23
CA ILE A 102 3.10 2.88 28.20
C ILE A 102 4.16 1.80 28.39
N VAL A 103 4.42 1.04 27.33
CA VAL A 103 5.40 -0.04 27.33
C VAL A 103 6.51 0.33 26.36
N ARG A 104 7.75 0.08 26.78
CA ARG A 104 8.91 0.30 25.93
C ARG A 104 8.99 -0.83 24.91
N GLY A 105 8.90 -0.49 23.62
CA GLY A 105 8.86 -1.49 22.60
C GLY A 105 10.23 -2.11 22.37
N PRO A 106 10.28 -3.09 21.46
CA PRO A 106 11.55 -3.77 21.18
C PRO A 106 12.45 -2.93 20.28
N ARG A 107 13.75 -2.97 20.59
CA ARG A 107 14.76 -2.24 19.83
C ARG A 107 15.41 -3.10 18.76
N GLU A 108 15.94 -4.25 19.13
CA GLU A 108 16.71 -5.08 18.21
C GLU A 108 15.81 -5.64 17.12
N VAL A 109 16.28 -5.59 15.88
CA VAL A 109 15.60 -6.19 14.76
C VAL A 109 16.39 -7.36 14.18
N GLN A 110 17.72 -7.26 14.18
CA GLN A 110 18.55 -8.37 13.71
C GLN A 110 18.33 -9.61 14.57
N LYS A 111 18.09 -9.42 15.87
CA LYS A 111 17.83 -10.52 16.79
C LYS A 111 16.34 -10.84 16.89
N ARG A 112 15.48 -10.13 16.17
CA ARG A 112 14.04 -10.35 16.18
C ARG A 112 13.48 -10.29 17.61
N GLU A 113 13.69 -9.13 18.24
CA GLU A 113 13.25 -8.93 19.60
C GLU A 113 11.74 -8.75 19.65
N LEU A 114 11.11 -9.42 20.62
CA LEU A 114 9.67 -9.37 20.79
C LEU A 114 9.31 -8.72 22.12
N VAL A 115 8.17 -8.04 22.14
CA VAL A 115 7.50 -7.64 23.37
C VAL A 115 6.23 -8.47 23.46
N PHE A 116 6.16 -9.34 24.47
CA PHE A 116 5.01 -10.21 24.67
C PHE A 116 4.23 -9.72 25.87
N LEU A 117 2.93 -9.49 25.67
CA LEU A 117 2.05 -8.92 26.68
C LEU A 117 0.85 -9.83 26.88
N GLN A 118 0.47 -10.02 28.14
CA GLN A 118 -0.65 -10.87 28.52
C GLN A 118 -1.46 -10.17 29.60
N PHE A 119 -2.71 -9.87 29.28
CA PHE A 119 -3.69 -9.24 30.16
C PHE A 119 -4.80 -10.24 30.51
N ARG A 120 -5.47 -9.97 31.62
CA ARG A 120 -6.63 -10.76 32.03
C ARG A 120 -7.71 -9.82 32.54
N LEU A 121 -8.87 -9.87 31.91
CA LEU A 121 -10.04 -9.13 32.36
C LEU A 121 -10.95 -10.10 33.13
N ASN A 122 -11.18 -9.80 34.40
CA ASN A 122 -11.86 -10.75 35.28
C ASN A 122 -13.32 -10.90 34.90
N GLN A 123 -14.09 -9.82 34.98
CA GLN A 123 -15.51 -9.88 34.66
C GLN A 123 -15.94 -8.56 34.05
N SER A 124 -16.73 -8.64 32.99
CA SER A 124 -17.27 -7.46 32.33
C SER A 124 -18.52 -7.84 31.57
N SER A 125 -19.34 -6.83 31.30
CA SER A 125 -20.57 -7.02 30.52
C SER A 125 -20.36 -6.83 29.03
N GLU A 126 -19.14 -6.49 28.60
CA GLU A 126 -18.88 -6.27 27.19
C GLU A 126 -19.05 -7.57 26.40
N ASP A 127 -19.74 -7.47 25.26
CA ASP A 127 -19.92 -8.62 24.40
C ASP A 127 -18.68 -8.90 23.56
N PHE A 128 -17.94 -7.85 23.20
CA PHE A 128 -16.75 -7.97 22.35
C PHE A 128 -15.61 -7.26 23.07
N SER A 129 -14.84 -8.02 23.84
CA SER A 129 -13.72 -7.45 24.58
C SER A 129 -12.52 -7.23 23.67
N ALA A 130 -11.89 -6.07 23.81
CA ALA A 130 -10.71 -5.74 23.03
C ALA A 130 -9.95 -4.62 23.72
N ILE A 131 -8.63 -4.66 23.66
CA ILE A 131 -7.76 -3.66 24.26
C ILE A 131 -7.17 -2.82 23.14
N ASP A 132 -7.27 -1.49 23.28
CA ASP A 132 -6.74 -0.58 22.27
C ASP A 132 -5.26 -0.32 22.51
N TYR A 133 -4.54 -0.06 21.43
CA TYR A 133 -3.13 0.27 21.50
C TYR A 133 -2.77 1.31 20.46
N LEU A 134 -1.90 2.22 20.86
CA LEU A 134 -1.37 3.29 20.00
C LEU A 134 0.14 3.17 20.00
N LEU A 135 0.77 3.49 18.87
CA LEU A 135 2.21 3.36 18.72
C LEU A 135 2.81 4.73 18.42
N PHE A 136 3.83 5.12 19.18
CA PHE A 136 4.56 6.35 18.89
C PHE A 136 6.06 6.06 18.84
N SER A 137 6.79 6.95 18.16
CA SER A 137 8.11 6.64 17.66
C SER A 137 9.10 6.32 18.78
N SER A 138 9.19 7.18 19.77
CA SER A 138 10.22 7.06 20.79
C SER A 138 9.60 7.05 22.18
N PHE A 139 9.98 6.06 22.98
CA PHE A 139 9.62 6.05 24.39
C PHE A 139 10.50 7.02 25.18
N GLN A 140 11.76 7.19 24.77
CA GLN A 140 12.62 8.17 25.44
C GLN A 140 12.11 9.58 25.25
N GLU A 141 11.63 9.91 24.06
CA GLU A 141 11.04 11.22 23.81
C GLU A 141 9.80 11.44 24.68
N PHE A 142 9.17 10.37 25.16
CA PHE A 142 8.04 10.46 26.06
C PHE A 142 8.47 10.62 27.51
N LEU A 143 9.60 10.01 27.90
CA LEU A 143 10.05 10.06 29.29
C LEU A 143 10.37 11.48 29.72
N GLN A 144 11.22 12.18 28.95
CA GLN A 144 11.57 13.56 29.26
C GLN A 144 10.69 14.51 28.45
N SER A 145 9.46 14.66 28.93
CA SER A 145 8.50 15.59 28.33
C SER A 145 7.89 16.43 29.46
N PRO A 146 7.88 17.75 29.32
CA PRO A 146 7.28 18.59 30.38
C PRO A 146 5.81 18.31 30.60
N ASP A 147 5.07 17.97 29.55
CA ASP A 147 3.63 17.73 29.63
C ASP A 147 3.34 16.36 29.03
N ARG A 148 3.31 15.33 29.89
CA ARG A 148 3.00 13.99 29.43
C ARG A 148 1.57 13.91 28.88
N ALA A 149 0.63 14.57 29.56
CA ALA A 149 -0.74 14.61 29.06
C ALA A 149 -0.82 15.30 27.71
N GLY A 150 -0.10 16.42 27.55
CA GLY A 150 -0.03 17.07 26.26
C GLY A 150 0.64 16.20 25.21
N PHE A 151 1.68 15.46 25.61
CA PHE A 151 2.34 14.55 24.69
C PHE A 151 1.37 13.48 24.19
N MET A 152 0.56 12.92 25.08
CA MET A 152 -0.39 11.90 24.68
C MET A 152 -1.51 12.48 23.84
N GLN A 153 -1.97 13.68 24.17
CA GLN A 153 -3.01 14.31 23.36
C GLN A 153 -2.50 14.65 21.97
N ALA A 154 -1.21 14.94 21.83
CA ALA A 154 -0.62 15.13 20.50
C ALA A 154 -0.46 13.79 19.78
N CYS A 155 -0.08 12.75 20.51
CA CYS A 155 0.08 11.42 19.91
C CYS A 155 -1.25 10.88 19.41
N GLU A 156 -2.36 11.25 20.04
CA GLU A 156 -3.67 10.81 19.57
C GLU A 156 -3.93 11.28 18.15
N SER A 157 -3.62 12.53 17.84
CA SER A 157 -3.82 13.06 16.50
C SER A 157 -2.71 12.65 15.55
N ALA A 158 -1.48 12.52 16.04
CA ALA A 158 -0.34 12.26 15.16
C ALA A 158 -0.33 10.81 14.67
N TYR A 159 -0.89 9.88 15.44
CA TYR A 159 -0.83 8.47 15.11
C TYR A 159 -2.24 7.87 15.15
N SER A 160 -2.40 6.76 14.43
CA SER A 160 -3.64 5.99 14.45
C SER A 160 -3.52 4.86 15.46
N SER A 161 -4.64 4.53 16.09
CA SER A 161 -4.70 3.51 17.13
C SER A 161 -5.55 2.34 16.67
N TRP A 162 -5.11 1.14 17.03
CA TRP A 162 -5.78 -0.10 16.68
C TRP A 162 -6.23 -0.80 17.96
N LYS A 163 -6.73 -2.02 17.83
CA LYS A 163 -7.10 -2.81 18.99
C LYS A 163 -6.84 -4.28 18.72
N PHE A 164 -6.59 -5.03 19.79
CA PHE A 164 -6.44 -6.47 19.72
C PHE A 164 -7.46 -7.13 20.64
N SER A 165 -8.05 -8.22 20.17
CA SER A 165 -9.16 -8.87 20.87
C SER A 165 -8.66 -9.92 21.85
N GLY A 166 -9.57 -10.36 22.72
CA GLY A 166 -9.27 -11.45 23.62
C GLY A 166 -9.45 -12.81 22.97
N GLY A 167 -8.90 -13.82 23.62
CA GLY A 167 -8.94 -15.16 23.05
C GLY A 167 -8.04 -15.36 21.86
N PHE A 168 -7.15 -14.41 21.58
CA PHE A 168 -6.23 -14.47 20.45
C PHE A 168 -4.82 -14.16 20.94
N ARG A 169 -3.85 -14.40 20.07
CA ARG A 169 -2.49 -13.87 20.23
C ARG A 169 -2.20 -13.03 19.00
N THR A 170 -2.47 -11.73 19.10
CA THR A 170 -2.25 -10.81 17.99
C THR A 170 -0.76 -10.55 17.85
N TRP A 171 -0.19 -10.94 16.72
CA TRP A 171 1.21 -10.70 16.41
C TRP A 171 1.29 -9.48 15.50
N VAL A 172 1.76 -8.37 16.04
CA VAL A 172 1.77 -7.08 15.34
C VAL A 172 3.16 -6.88 14.74
N LYS A 173 3.22 -6.82 13.42
CA LYS A 173 4.43 -6.47 12.70
C LYS A 173 4.36 -4.99 12.38
N MET A 174 5.23 -4.19 12.98
CA MET A 174 5.18 -2.75 12.88
C MET A 174 6.43 -2.21 12.16
N SER A 175 6.21 -1.23 11.29
CA SER A 175 7.26 -0.60 10.51
C SER A 175 7.05 0.91 10.52
N LEU A 176 8.13 1.64 10.24
CA LEU A 176 8.14 3.09 10.32
C LEU A 176 8.11 3.71 8.93
N VAL A 177 7.24 4.71 8.76
CA VAL A 177 7.13 5.46 7.51
C VAL A 177 7.33 6.94 7.83
N GLU A 178 8.35 7.53 7.23
CA GLU A 178 8.67 8.94 7.43
C GLU A 178 8.27 9.68 6.15
N THR A 179 7.18 10.46 6.26
CA THR A 179 6.73 11.28 5.14
C THR A 179 7.33 12.67 5.29
N LYS A 180 8.22 13.04 4.37
CA LYS A 180 8.83 14.36 4.38
C LYS A 180 7.89 15.33 3.68
N GLU A 181 7.17 16.13 4.46
CA GLU A 181 6.22 17.08 3.90
C GLU A 181 6.97 18.21 3.19
N GLU A 182 6.24 18.93 2.32
CA GLU A 182 6.85 20.02 1.57
C GLU A 182 7.38 21.11 2.50
N ASP A 183 6.78 21.26 3.68
CA ASP A 183 7.25 22.21 4.69
C ASP A 183 8.39 21.66 5.54
N GLY A 184 8.97 20.53 5.15
CA GLY A 184 10.02 19.92 5.94
C GLY A 184 9.56 19.42 7.29
N ARG A 185 8.36 18.84 7.35
CA ARG A 185 7.81 18.36 8.61
C ARG A 185 8.47 17.05 9.06
N GLU A 186 8.79 16.16 8.11
CA GLU A 186 9.36 14.85 8.41
C GLU A 186 8.49 14.10 9.41
N ALA A 187 7.20 13.98 9.08
CA ALA A 187 6.24 13.35 9.97
C ALA A 187 6.47 11.83 9.99
N VAL A 188 6.65 11.28 11.18
CA VAL A 188 6.91 9.86 11.36
C VAL A 188 5.62 9.18 11.78
N GLU A 189 5.31 8.05 11.14
CA GLU A 189 4.09 7.31 11.44
C GLU A 189 4.40 5.83 11.45
N PHE A 190 3.46 5.05 11.98
CA PHE A 190 3.59 3.62 12.16
C PHE A 190 2.61 2.91 11.23
N ARG A 191 3.09 1.88 10.53
CA ARG A 191 2.22 0.93 9.85
C ARG A 191 2.36 -0.41 10.54
N GLN A 192 1.29 -1.20 10.49
CA GLN A 192 1.30 -2.47 11.22
C GLN A 192 0.37 -3.47 10.54
N GLU A 193 0.80 -4.73 10.53
CA GLU A 193 -0.02 -5.82 10.03
C GLU A 193 -0.02 -6.96 11.04
N THR A 194 -1.20 -7.49 11.33
CA THR A 194 -1.41 -8.45 12.41
C THR A 194 -1.58 -9.87 11.86
N SER A 195 -1.66 -10.81 12.80
CA SER A 195 -2.02 -12.20 12.50
C SER A 195 -2.61 -12.76 13.79
N VAL A 196 -3.93 -12.88 13.82
CA VAL A 196 -4.63 -13.39 15.00
C VAL A 196 -4.57 -14.92 14.99
N VAL A 197 -4.13 -15.49 16.10
CA VAL A 197 -4.01 -16.93 16.26
C VAL A 197 -4.81 -17.35 17.48
N ASN A 198 -5.63 -18.38 17.35
CA ASN A 198 -6.54 -18.78 18.42
C ASN A 198 -5.77 -19.21 19.66
N TYR A 199 -6.35 -18.93 20.82
CA TYR A 199 -5.80 -19.35 22.10
C TYR A 199 -6.53 -20.61 22.54
N ILE A 200 -5.80 -21.71 22.69
CA ILE A 200 -6.37 -22.99 23.09
C ILE A 200 -6.55 -22.94 24.60
N ASP A 201 -7.77 -22.64 25.05
CA ASP A 201 -8.04 -22.44 26.47
C ASP A 201 -8.02 -23.78 27.19
N GLN A 202 -6.86 -24.13 27.75
CA GLN A 202 -6.71 -25.35 28.54
C GLN A 202 -6.93 -25.11 30.02
N ARG A 203 -7.29 -23.89 30.42
CA ARG A 203 -7.52 -23.58 31.82
C ARG A 203 -8.79 -24.28 32.31
N PRO A 204 -8.90 -24.52 33.61
CA PRO A 204 -10.11 -25.16 34.14
C PRO A 204 -11.35 -24.30 33.89
N ALA A 205 -12.49 -24.97 33.77
CA ALA A 205 -13.74 -24.28 33.43
C ALA A 205 -14.15 -23.26 34.48
N ALA A 206 -13.67 -23.41 35.72
CA ALA A 206 -14.00 -22.43 36.76
C ALA A 206 -13.43 -21.06 36.43
N GLU A 207 -12.20 -21.02 35.91
CA GLU A 207 -11.53 -19.77 35.58
C GLU A 207 -11.73 -19.35 34.13
N LYS A 208 -12.52 -20.11 33.36
CA LYS A 208 -12.75 -19.76 31.96
C LYS A 208 -13.62 -18.53 31.78
N SER A 209 -14.27 -18.04 32.84
CA SER A 209 -15.06 -16.82 32.73
C SER A 209 -14.19 -15.62 32.42
N ALA A 210 -13.01 -15.53 33.04
CA ALA A 210 -12.10 -14.44 32.77
C ALA A 210 -11.55 -14.54 31.35
N GLN A 211 -11.29 -13.38 30.75
CA GLN A 211 -10.84 -13.30 29.37
C GLN A 211 -9.36 -12.95 29.32
N LEU A 212 -8.62 -13.62 28.43
CA LEU A 212 -7.18 -13.45 28.32
C LEU A 212 -6.85 -12.76 27.01
N PHE A 213 -5.99 -11.75 27.07
CA PHE A 213 -5.50 -11.02 25.91
C PHE A 213 -4.01 -11.27 25.77
N PHE A 214 -3.58 -11.69 24.59
CA PHE A 214 -2.17 -11.84 24.29
C PHE A 214 -1.82 -11.00 23.07
N VAL A 215 -0.69 -10.32 23.11
CA VAL A 215 -0.25 -9.51 21.98
C VAL A 215 1.27 -9.51 21.91
N VAL A 216 1.80 -9.60 20.69
CA VAL A 216 3.23 -9.68 20.44
C VAL A 216 3.61 -8.55 19.50
N PHE A 217 4.60 -7.76 19.88
CA PHE A 217 5.09 -6.64 19.08
C PHE A 217 6.51 -6.89 18.62
N GLU A 218 6.77 -6.76 17.33
CA GLU A 218 8.13 -6.70 16.81
C GLU A 218 8.14 -5.80 15.58
N TRP A 219 9.35 -5.63 15.03
CA TRP A 219 9.54 -4.95 13.75
C TRP A 219 9.58 -5.98 12.63
N LYS A 220 8.80 -5.73 11.58
CA LYS A 220 8.73 -6.69 10.48
C LYS A 220 10.04 -6.75 9.69
N ASP A 221 10.72 -5.62 9.53
CA ASP A 221 11.99 -5.58 8.81
C ASP A 221 12.78 -4.36 9.27
N PRO A 222 14.10 -4.36 9.12
CA PRO A 222 14.91 -3.20 9.52
C PRO A 222 15.01 -2.16 8.41
N PHE A 223 13.86 -1.69 7.93
CA PHE A 223 13.81 -0.71 6.87
C PHE A 223 12.77 0.34 7.20
N ILE A 224 13.18 1.61 7.22
CA ILE A 224 12.27 2.74 7.38
C ILE A 224 11.95 3.29 6.01
N GLN A 225 10.67 3.41 5.69
CA GLN A 225 10.25 3.85 4.36
C GLN A 225 10.05 5.35 4.36
N LYS A 226 10.86 6.06 3.58
CA LYS A 226 10.80 7.51 3.47
C LYS A 226 10.05 7.87 2.21
N VAL A 227 8.97 8.63 2.36
CA VAL A 227 8.13 9.06 1.25
C VAL A 227 8.25 10.57 1.10
N GLN A 228 8.64 11.03 -0.08
CA GLN A 228 8.89 12.43 -0.33
C GLN A 228 8.11 12.88 -1.54
N ASP A 229 7.78 14.18 -1.58
CA ASP A 229 7.12 14.79 -2.72
C ASP A 229 8.12 15.64 -3.49
N ILE A 230 8.20 15.41 -4.79
CA ILE A 230 9.10 16.12 -5.68
C ILE A 230 8.28 17.03 -6.57
N ILE A 231 8.65 18.31 -6.60
CA ILE A 231 8.01 19.29 -7.47
C ILE A 231 8.72 19.23 -8.82
N THR A 232 8.00 18.78 -9.85
CA THR A 232 8.58 18.68 -11.19
C THR A 232 8.54 19.99 -11.95
N ALA A 233 7.97 21.04 -11.37
CA ALA A 233 7.87 22.34 -12.03
C ALA A 233 9.04 23.21 -11.58
N ASN A 234 10.02 23.38 -12.46
CA ASN A 234 11.18 24.21 -12.17
C ASN A 234 11.09 25.50 -12.97
N PRO A 235 10.97 26.66 -12.31
CA PRO A 235 10.87 27.92 -13.09
C PRO A 235 12.10 28.20 -13.94
N TRP A 236 13.30 27.88 -13.45
CA TRP A 236 14.52 28.21 -14.19
C TRP A 236 14.68 27.33 -15.42
N ASN A 237 14.32 26.06 -15.31
CA ASN A 237 14.33 25.19 -16.49
C ASN A 237 13.33 25.68 -17.53
N THR A 238 12.17 26.14 -17.08
CA THR A 238 11.19 26.72 -17.99
C THR A 238 11.75 27.96 -18.69
N ILE A 239 12.43 28.82 -17.93
CA ILE A 239 13.01 30.03 -18.52
C ILE A 239 14.07 29.65 -19.56
N ALA A 240 14.91 28.66 -19.24
CA ALA A 240 15.94 28.24 -20.19
C ALA A 240 15.32 27.66 -21.46
N LEU A 241 14.26 26.86 -21.30
CA LEU A 241 13.59 26.28 -22.47
C LEU A 241 12.98 27.38 -23.34
N LEU A 242 12.33 28.36 -22.72
CA LEU A 242 11.75 29.46 -23.46
C LEU A 242 12.82 30.27 -24.18
N CYS A 243 13.95 30.50 -23.51
CA CYS A 243 15.05 31.22 -24.14
C CYS A 243 15.60 30.46 -25.35
N GLY A 244 15.76 29.14 -25.21
CA GLY A 244 16.23 28.35 -26.34
C GLY A 244 15.27 28.39 -27.52
N ALA A 245 13.97 28.28 -27.23
CA ALA A 245 12.97 28.35 -28.31
C ALA A 245 12.97 29.72 -28.99
N PHE A 246 13.08 30.79 -28.20
CA PHE A 246 13.12 32.13 -28.76
C PHE A 246 14.35 32.32 -29.64
N LEU A 247 15.50 31.81 -29.19
CA LEU A 247 16.71 31.88 -30.00
C LEU A 247 16.57 31.10 -31.30
N ALA A 248 15.96 29.91 -31.23
CA ALA A 248 15.75 29.13 -32.45
C ALA A 248 14.87 29.89 -33.43
N LEU A 249 13.82 30.53 -32.92
CA LEU A 249 12.94 31.31 -33.78
C LEU A 249 13.68 32.50 -34.39
N PHE A 250 14.50 33.17 -33.59
CA PHE A 250 15.23 34.34 -34.11
C PHE A 250 16.20 33.94 -35.21
N LYS A 251 16.94 32.84 -35.01
CA LYS A 251 17.87 32.41 -36.05
C LYS A 251 17.13 31.87 -37.27
N ALA A 252 15.95 31.27 -37.07
CA ALA A 252 15.14 30.86 -38.21
C ALA A 252 14.69 32.08 -39.01
N ALA A 253 14.31 33.15 -38.33
CA ALA A 253 13.93 34.38 -39.03
C ALA A 253 15.12 34.97 -39.79
N GLU A 254 16.30 34.94 -39.17
CA GLU A 254 17.49 35.44 -39.87
C GLU A 254 17.79 34.62 -41.11
N PHE A 255 17.68 33.29 -41.02
CA PHE A 255 17.91 32.45 -42.19
C PHE A 255 16.83 32.66 -43.24
N ALA A 256 15.59 32.94 -42.81
CA ALA A 256 14.54 33.26 -43.77
C ALA A 256 14.86 34.55 -44.51
N LYS A 257 15.37 35.56 -43.80
CA LYS A 257 15.80 36.80 -44.46
C LYS A 257 16.93 36.53 -45.45
N LEU A 258 17.87 35.67 -45.05
CA LEU A 258 18.96 35.31 -45.96
C LEU A 258 18.43 34.63 -47.22
N SER A 259 17.47 33.71 -47.05
CA SER A 259 16.87 33.04 -48.19
C SER A 259 16.14 34.02 -49.09
N VAL A 260 15.45 35.00 -48.49
CA VAL A 260 14.75 36.02 -49.27
C VAL A 260 15.74 36.83 -50.10
N LYS A 261 16.84 37.26 -49.47
CA LYS A 261 17.81 38.04 -50.22
C LYS A 261 18.67 37.19 -51.15
N TRP A 262 18.59 35.87 -51.05
CA TRP A 262 19.34 35.00 -51.96
C TRP A 262 18.50 34.58 -53.17
N MET A 263 17.38 33.91 -52.93
CA MET A 263 16.52 33.44 -54.00
C MET A 263 15.16 34.12 -54.02
N ALA A 264 14.44 34.10 -52.91
CA ALA A 264 13.09 34.68 -52.85
C ALA A 264 13.14 36.21 -52.97
N LEU B 1 33.67 53.10 -18.44
CA LEU B 1 32.48 53.94 -18.31
C LEU B 1 31.41 53.55 -19.33
N LEU B 2 30.94 52.31 -19.22
CA LEU B 2 29.92 51.77 -20.11
C LEU B 2 28.76 51.26 -19.28
N ILE B 3 27.83 50.55 -19.95
CA ILE B 3 26.68 49.98 -19.25
C ILE B 3 27.12 48.95 -18.22
N PHE B 4 28.16 48.17 -18.55
CA PHE B 4 28.69 47.13 -17.66
C PHE B 4 27.61 46.13 -17.27
N ILE B 5 26.70 45.84 -18.20
CA ILE B 5 25.71 44.79 -18.00
C ILE B 5 26.35 43.41 -18.10
N TYR B 6 27.59 43.32 -18.59
CA TYR B 6 28.28 42.03 -18.62
C TYR B 6 28.46 41.47 -17.22
N LEU B 7 28.64 42.33 -16.22
CA LEU B 7 28.76 41.86 -14.84
C LEU B 7 27.45 41.20 -14.37
N LEU B 8 26.33 41.86 -14.64
CA LEU B 8 25.03 41.27 -14.29
C LEU B 8 24.79 39.99 -15.06
N LEU B 9 25.21 39.94 -16.32
CA LEU B 9 25.06 38.73 -17.12
C LEU B 9 25.88 37.58 -16.53
N MET B 10 27.12 37.88 -16.11
CA MET B 10 27.95 36.86 -15.48
C MET B 10 27.33 36.38 -14.18
N ALA B 11 26.77 37.29 -13.38
CA ALA B 11 26.10 36.90 -12.15
C ALA B 11 24.90 36.00 -12.43
N VAL B 12 24.11 36.36 -13.44
CA VAL B 12 22.95 35.53 -13.81
C VAL B 12 23.41 34.16 -14.27
N ALA B 13 24.47 34.10 -15.08
CA ALA B 13 24.99 32.81 -15.53
C ALA B 13 25.46 31.96 -14.36
N VAL B 14 26.17 32.57 -13.41
CA VAL B 14 26.67 31.84 -12.25
C VAL B 14 25.50 31.30 -11.43
N PHE B 15 24.49 32.14 -11.20
CA PHE B 15 23.32 31.70 -10.43
C PHE B 15 22.59 30.57 -11.14
N LEU B 16 22.42 30.68 -12.46
CA LEU B 16 21.70 29.66 -13.20
C LEU B 16 22.47 28.34 -13.20
N VAL B 17 23.79 28.40 -13.38
CA VAL B 17 24.60 27.17 -13.32
C VAL B 17 24.51 26.55 -11.93
N TYR B 18 24.60 27.36 -10.88
CA TYR B 18 24.53 26.84 -9.53
C TYR B 18 23.19 26.16 -9.26
N GLN B 19 22.09 26.81 -9.63
CA GLN B 19 20.79 26.21 -9.37
C GLN B 19 20.57 24.97 -10.24
N THR B 20 21.10 24.96 -11.46
CA THR B 20 20.99 23.77 -12.30
C THR B 20 21.75 22.60 -11.70
N ILE B 21 22.96 22.85 -11.20
CA ILE B 21 23.73 21.78 -10.55
C ILE B 21 22.99 21.27 -9.31
N MET B 22 22.45 22.19 -8.50
CA MET B 22 21.73 21.77 -7.31
C MET B 22 20.50 20.94 -7.67
N ASP B 23 19.75 21.36 -8.70
CA ASP B 23 18.59 20.62 -9.15
C ASP B 23 18.99 19.23 -9.65
N PHE B 24 20.07 19.14 -10.42
CA PHE B 24 20.51 17.86 -10.93
C PHE B 24 20.92 16.94 -9.78
N ARG B 25 21.64 17.47 -8.79
CA ARG B 25 22.05 16.65 -7.67
C ARG B 25 20.85 16.15 -6.87
N GLU B 26 19.87 17.02 -6.62
CA GLU B 26 18.74 16.60 -5.80
C GLU B 26 17.82 15.65 -6.57
N LYS B 27 17.78 15.77 -7.89
CA LYS B 27 17.01 14.81 -8.70
C LYS B 27 17.72 13.48 -8.77
N LEU B 28 19.06 13.48 -8.83
CA LEU B 28 19.80 12.22 -8.80
C LEU B 28 19.69 11.54 -7.44
N LYS B 29 19.59 12.33 -6.36
CA LYS B 29 19.45 11.76 -5.03
C LYS B 29 18.11 11.07 -4.86
N HIS B 30 17.04 11.62 -5.43
CA HIS B 30 15.67 11.15 -5.20
C HIS B 30 15.06 10.71 -6.52
N PRO B 31 15.20 9.44 -6.88
CA PRO B 31 14.50 8.93 -8.07
C PRO B 31 13.01 8.84 -7.81
N VAL B 32 12.23 9.05 -8.88
CA VAL B 32 10.79 8.88 -8.78
C VAL B 32 10.46 7.41 -9.00
N MET B 33 9.23 7.02 -8.67
CA MET B 33 8.82 5.63 -8.84
C MET B 33 7.54 5.55 -9.66
N SER B 34 7.45 4.50 -10.47
CA SER B 34 6.34 4.30 -11.39
C SER B 34 5.79 2.89 -11.20
N VAL B 35 4.47 2.76 -11.26
CA VAL B 35 3.80 1.47 -11.16
C VAL B 35 3.01 1.21 -12.44
N SER B 36 3.07 -0.02 -12.92
CA SER B 36 2.30 -0.46 -14.07
C SER B 36 1.71 -1.82 -13.78
N TYR B 37 0.70 -2.21 -14.55
CA TYR B 37 -0.01 -3.46 -14.34
C TYR B 37 0.04 -4.29 -15.61
N LYS B 38 0.60 -5.49 -15.52
CA LYS B 38 0.67 -6.43 -16.63
C LYS B 38 -0.38 -7.51 -16.41
N GLU B 39 -1.32 -7.63 -17.34
CA GLU B 39 -2.37 -8.62 -17.20
C GLU B 39 -1.89 -9.96 -17.75
N VAL B 40 -2.01 -11.00 -16.93
CA VAL B 40 -1.61 -12.35 -17.30
C VAL B 40 -2.82 -13.26 -17.20
N ASP B 41 -3.06 -14.06 -18.25
CA ASP B 41 -4.21 -14.95 -18.26
C ASP B 41 -4.01 -16.13 -17.32
N ARG B 42 -2.79 -16.65 -17.25
CA ARG B 42 -2.50 -17.82 -16.41
C ARG B 42 -1.14 -17.62 -15.75
N TYR B 43 -1.15 -17.48 -14.44
CA TYR B 43 0.10 -17.39 -13.69
C TYR B 43 0.85 -18.71 -13.76
N ASP B 44 2.18 -18.62 -13.66
CA ASP B 44 2.99 -19.82 -13.48
C ASP B 44 2.69 -20.41 -12.11
N ALA B 45 2.73 -21.74 -12.03
CA ALA B 45 2.37 -22.45 -10.80
C ALA B 45 3.26 -22.02 -9.64
N PRO B 46 2.72 -21.29 -8.66
CA PRO B 46 3.54 -20.84 -7.54
C PRO B 46 3.86 -22.00 -6.61
N GLY B 47 4.94 -21.82 -5.85
CA GLY B 47 5.34 -22.79 -4.85
C GLY B 47 4.91 -22.32 -3.47
N ILE B 48 4.23 -23.21 -2.75
CA ILE B 48 3.74 -22.93 -1.41
C ILE B 48 4.52 -23.83 -0.46
N ALA B 49 5.47 -23.27 0.26
CA ALA B 49 6.28 -24.03 1.21
C ALA B 49 5.63 -23.95 2.58
N LEU B 50 4.90 -24.99 2.96
CA LEU B 50 4.28 -25.09 4.27
C LEU B 50 5.26 -25.72 5.25
N TYR B 51 5.11 -25.37 6.52
CA TYR B 51 5.98 -25.89 7.58
C TYR B 51 5.13 -26.53 8.67
N PRO B 52 4.61 -27.73 8.42
CA PRO B 52 3.88 -28.44 9.48
C PRO B 52 4.86 -29.08 10.46
N GLY B 53 4.77 -28.69 11.72
CA GLY B 53 5.64 -29.25 12.74
C GLY B 53 5.37 -30.73 12.94
N GLN B 54 4.19 -31.06 13.46
CA GLN B 54 3.76 -32.44 13.60
C GLN B 54 2.43 -32.73 12.93
N ALA B 55 1.68 -31.71 12.52
CA ALA B 55 0.40 -31.94 11.86
C ALA B 55 0.61 -32.55 10.49
N GLN B 56 -0.21 -33.54 10.16
CA GLN B 56 -0.14 -34.22 8.88
C GLN B 56 -1.19 -33.65 7.93
N LEU B 57 -0.83 -33.56 6.65
CA LEU B 57 -1.74 -33.02 5.64
C LEU B 57 -2.85 -34.02 5.40
N LEU B 58 -4.01 -33.79 6.02
CA LEU B 58 -5.15 -34.68 5.81
C LEU B 58 -5.60 -34.64 4.37
N SER B 59 -5.78 -33.45 3.81
CA SER B 59 -6.33 -33.34 2.47
C SER B 59 -5.77 -32.12 1.76
N CYS B 60 -5.72 -32.20 0.44
CA CYS B 60 -5.38 -31.05 -0.39
C CYS B 60 -5.97 -31.28 -1.77
N LYS B 61 -6.62 -30.25 -2.32
CA LYS B 61 -7.28 -30.39 -3.61
C LYS B 61 -7.17 -29.09 -4.39
N HIS B 62 -7.33 -29.21 -5.71
CA HIS B 62 -7.47 -28.07 -6.61
C HIS B 62 -8.95 -27.88 -6.89
N TYR B 63 -9.54 -26.87 -6.29
CA TYR B 63 -10.96 -26.56 -6.40
C TYR B 63 -11.16 -25.38 -7.33
N TYR B 64 -12.39 -24.90 -7.39
CA TYR B 64 -12.76 -23.77 -8.23
C TYR B 64 -13.59 -22.82 -7.37
N GLU B 65 -14.29 -21.88 -8.02
CA GLU B 65 -14.88 -20.73 -7.34
C GLU B 65 -15.65 -21.09 -6.07
N VAL B 66 -16.14 -22.33 -5.94
CA VAL B 66 -16.76 -22.80 -4.72
C VAL B 66 -16.01 -24.02 -4.19
N ILE B 67 -16.08 -24.21 -2.88
CA ILE B 67 -15.59 -25.41 -2.21
C ILE B 67 -16.80 -26.20 -1.72
N PRO B 68 -16.99 -27.44 -2.16
CA PRO B 68 -18.08 -28.23 -1.61
C PRO B 68 -17.86 -28.48 -0.13
N PRO B 69 -18.93 -28.62 0.65
CA PRO B 69 -18.76 -28.86 2.09
C PRO B 69 -18.01 -30.15 2.35
N LEU B 70 -17.21 -30.14 3.41
CA LEU B 70 -16.37 -31.29 3.73
C LEU B 70 -17.22 -32.50 4.08
N ARG B 71 -16.90 -33.64 3.48
CA ARG B 71 -17.62 -34.87 3.79
C ARG B 71 -17.21 -35.40 5.15
N SER B 72 -15.93 -35.29 5.49
CA SER B 72 -15.42 -35.68 6.81
C SER B 72 -14.52 -34.56 7.31
N PRO B 73 -15.00 -33.74 8.26
CA PRO B 73 -14.23 -32.53 8.63
C PRO B 73 -12.83 -32.82 9.18
N GLY B 74 -12.64 -33.91 9.91
CA GLY B 74 -11.37 -34.12 10.58
C GLY B 74 -10.78 -35.50 10.45
N GLN B 75 -10.98 -36.15 9.32
CA GLN B 75 -10.46 -37.48 9.06
C GLN B 75 -9.63 -37.47 7.78
N PRO B 76 -8.67 -38.39 7.65
CA PRO B 76 -7.80 -38.39 6.47
C PRO B 76 -8.61 -38.49 5.18
N GLY B 77 -8.49 -37.46 4.33
CA GLY B 77 -9.20 -37.42 3.08
C GLY B 77 -8.33 -37.84 1.91
N ASP B 78 -8.33 -37.04 0.84
CA ASP B 78 -7.59 -37.35 -0.37
C ASP B 78 -6.69 -36.18 -0.72
N VAL B 79 -5.41 -36.47 -0.96
CA VAL B 79 -4.46 -35.49 -1.46
C VAL B 79 -4.40 -35.62 -2.97
N ASN B 80 -4.70 -34.53 -3.67
CA ASN B 80 -4.93 -34.57 -5.12
C ASN B 80 -4.15 -33.46 -5.81
N CYS B 81 -2.86 -33.34 -5.49
CA CYS B 81 -1.98 -32.42 -6.20
C CYS B 81 -0.55 -32.92 -6.08
N THR B 82 0.35 -32.26 -6.79
CA THR B 82 1.77 -32.60 -6.74
C THR B 82 2.42 -31.88 -5.57
N THR B 83 2.90 -32.64 -4.60
CA THR B 83 3.60 -32.10 -3.44
C THR B 83 4.94 -32.79 -3.28
N GLN B 84 5.94 -32.01 -2.86
CA GLN B 84 7.27 -32.51 -2.57
C GLN B 84 7.61 -32.22 -1.12
N ARG B 85 8.73 -32.78 -0.66
CA ARG B 85 9.25 -32.50 0.67
C ARG B 85 10.72 -32.19 0.58
N VAL B 86 11.16 -31.18 1.33
CA VAL B 86 12.56 -30.79 1.37
C VAL B 86 12.98 -30.60 2.82
N ASN B 87 14.26 -30.78 3.08
CA ASN B 87 14.86 -30.52 4.39
C ASN B 87 16.06 -29.61 4.19
N TYR B 88 16.13 -28.53 4.97
CA TYR B 88 17.24 -27.60 4.84
C TYR B 88 17.55 -27.00 6.20
N THR B 89 18.48 -26.05 6.22
CA THR B 89 18.93 -25.40 7.44
C THR B 89 18.57 -23.92 7.39
N ASP B 90 18.02 -23.42 8.49
CA ASP B 90 17.53 -22.04 8.51
C ASP B 90 18.71 -21.09 8.34
N PRO B 91 18.66 -20.17 7.38
CA PRO B 91 19.77 -19.21 7.23
C PRO B 91 20.03 -18.38 8.47
N PHE B 92 18.99 -18.08 9.25
CA PHE B 92 19.17 -17.24 10.44
C PHE B 92 20.10 -17.91 11.45
N SER B 93 19.83 -19.17 11.78
CA SER B 93 20.65 -19.95 12.70
C SER B 93 20.90 -21.32 12.10
N ASN B 94 22.17 -21.73 12.05
CA ASN B 94 22.56 -22.97 11.42
C ASN B 94 22.35 -24.19 12.30
N GLN B 95 21.67 -24.05 13.44
CA GLN B 95 21.47 -25.14 14.38
C GLN B 95 20.04 -25.69 14.36
N THR B 96 19.23 -25.31 13.38
CA THR B 96 17.86 -25.78 13.28
C THR B 96 17.63 -26.42 11.93
N LEU B 97 16.87 -27.52 11.92
CA LEU B 97 16.51 -28.23 10.71
C LEU B 97 15.06 -27.92 10.36
N LYS B 98 14.83 -27.41 9.16
CA LYS B 98 13.49 -27.05 8.71
C LYS B 98 13.04 -28.04 7.64
N SER B 99 11.89 -28.66 7.86
CA SER B 99 11.27 -29.56 6.90
C SER B 99 10.08 -28.84 6.27
N ALA B 100 10.11 -28.70 4.95
CA ALA B 100 9.10 -27.96 4.20
C ALA B 100 8.35 -28.89 3.29
N LEU B 101 7.02 -28.79 3.30
CA LEU B 101 6.15 -29.48 2.36
C LEU B 101 5.77 -28.49 1.27
N ILE B 102 6.17 -28.79 0.04
CA ILE B 102 6.01 -27.87 -1.08
C ILE B 102 4.79 -28.29 -1.88
N VAL B 103 3.86 -27.35 -2.07
CA VAL B 103 2.62 -27.59 -2.79
C VAL B 103 2.64 -26.72 -4.05
N ARG B 104 2.15 -27.30 -5.16
CA ARG B 104 2.01 -26.56 -6.41
C ARG B 104 0.73 -25.73 -6.34
N GLY B 105 0.88 -24.41 -6.47
CA GLY B 105 -0.22 -23.52 -6.28
C GLY B 105 -1.16 -23.51 -7.47
N PRO B 106 -2.21 -22.70 -7.37
CA PRO B 106 -3.18 -22.61 -8.46
C PRO B 106 -2.68 -21.73 -9.60
N ARG B 107 -2.90 -22.20 -10.83
CA ARG B 107 -2.48 -21.48 -12.03
C ARG B 107 -3.59 -20.63 -12.62
N GLU B 108 -4.76 -21.22 -12.85
CA GLU B 108 -5.85 -20.50 -13.50
C GLU B 108 -6.39 -19.41 -12.60
N VAL B 109 -6.61 -18.23 -13.16
CA VAL B 109 -7.22 -17.11 -12.46
C VAL B 109 -8.59 -16.78 -13.04
N GLN B 110 -8.75 -16.93 -14.36
CA GLN B 110 -10.05 -16.70 -14.98
C GLN B 110 -11.10 -17.63 -14.39
N LYS B 111 -10.72 -18.88 -14.13
CA LYS B 111 -11.61 -19.86 -13.53
C LYS B 111 -11.59 -19.83 -12.01
N ARG B 112 -10.75 -18.98 -11.41
CA ARG B 112 -10.57 -18.90 -9.96
C ARG B 112 -10.24 -20.27 -9.37
N GLU B 113 -9.09 -20.80 -9.79
CA GLU B 113 -8.60 -22.05 -9.24
C GLU B 113 -8.15 -21.86 -7.80
N LEU B 114 -8.53 -22.79 -6.94
CA LEU B 114 -8.16 -22.75 -5.52
C LEU B 114 -7.28 -23.93 -5.17
N VAL B 115 -6.38 -23.72 -4.21
CA VAL B 115 -5.69 -24.81 -3.54
C VAL B 115 -6.23 -24.85 -2.13
N PHE B 116 -6.89 -25.94 -1.78
CA PHE B 116 -7.50 -26.11 -0.46
C PHE B 116 -6.70 -27.15 0.31
N LEU B 117 -6.25 -26.77 1.51
CA LEU B 117 -5.38 -27.59 2.34
C LEU B 117 -5.99 -27.75 3.73
N GLN B 118 -5.93 -28.97 4.25
CA GLN B 118 -6.47 -29.30 5.56
C GLN B 118 -5.47 -30.19 6.29
N PHE B 119 -4.98 -29.71 7.43
CA PHE B 119 -4.06 -30.40 8.31
C PHE B 119 -4.74 -30.68 9.66
N ARG B 120 -4.22 -31.69 10.36
CA ARG B 120 -4.70 -32.00 11.71
C ARG B 120 -3.49 -32.27 12.60
N LEU B 121 -3.39 -31.54 13.70
CA LEU B 121 -2.37 -31.77 14.71
C LEU B 121 -3.00 -32.55 15.86
N ASN B 122 -2.46 -33.73 16.14
CA ASN B 122 -3.11 -34.64 17.08
C ASN B 122 -3.00 -34.12 18.51
N GLN B 123 -1.79 -33.97 19.01
CA GLN B 123 -1.59 -33.51 20.38
C GLN B 123 -0.30 -32.71 20.46
N SER B 124 -0.37 -31.57 21.14
CA SER B 124 0.82 -30.73 21.34
C SER B 124 0.58 -29.86 22.57
N SER B 125 1.68 -29.39 23.16
CA SER B 125 1.63 -28.54 24.33
C SER B 125 1.61 -27.06 23.98
N GLU B 126 1.74 -26.71 22.71
CA GLU B 126 1.74 -25.30 22.31
C GLU B 126 0.37 -24.68 22.53
N ASP B 127 0.37 -23.46 23.09
CA ASP B 127 -0.88 -22.77 23.39
C ASP B 127 -1.52 -22.18 22.15
N PHE B 128 -0.73 -21.64 21.23
CA PHE B 128 -1.22 -20.98 20.02
C PHE B 128 -0.66 -21.75 18.82
N SER B 129 -1.45 -22.68 18.31
CA SER B 129 -1.02 -23.48 17.16
C SER B 129 -1.16 -22.68 15.88
N ALA B 130 -0.15 -22.80 15.02
CA ALA B 130 -0.14 -22.10 13.74
C ALA B 130 0.85 -22.79 12.81
N ILE B 131 0.51 -22.83 11.53
CA ILE B 131 1.37 -23.41 10.50
C ILE B 131 1.93 -22.27 9.66
N ASP B 132 3.25 -22.24 9.51
CA ASP B 132 3.89 -21.21 8.70
C ASP B 132 3.87 -21.60 7.23
N TYR B 133 3.80 -20.59 6.37
CA TYR B 133 3.85 -20.79 4.94
C TYR B 133 4.64 -19.68 4.27
N LEU B 134 5.43 -20.08 3.27
CA LEU B 134 6.19 -19.20 2.42
C LEU B 134 5.72 -19.36 0.99
N LEU B 135 5.85 -18.32 0.19
CA LEU B 135 5.43 -18.36 -1.21
C LEU B 135 6.59 -17.96 -2.10
N PHE B 136 6.88 -18.79 -3.11
CA PHE B 136 7.87 -18.44 -4.10
C PHE B 136 7.28 -18.57 -5.50
N SER B 137 7.93 -17.91 -6.45
CA SER B 137 7.29 -17.58 -7.73
C SER B 137 6.90 -18.82 -8.51
N SER B 138 7.83 -19.73 -8.72
CA SER B 138 7.61 -20.87 -9.61
C SER B 138 7.90 -22.17 -8.88
N PHE B 139 6.95 -23.11 -8.97
CA PHE B 139 7.21 -24.46 -8.49
C PHE B 139 8.07 -25.25 -9.47
N GLN B 140 7.92 -25.00 -10.77
CA GLN B 140 8.77 -25.66 -11.75
C GLN B 140 10.23 -25.27 -11.57
N GLU B 141 10.49 -23.99 -11.33
CA GLU B 141 11.86 -23.55 -11.08
C GLU B 141 12.47 -24.23 -9.86
N PHE B 142 11.64 -24.63 -8.90
CA PHE B 142 12.10 -25.38 -7.75
C PHE B 142 12.38 -26.84 -8.07
N LEU B 143 11.60 -27.44 -8.99
CA LEU B 143 11.75 -28.86 -9.28
C LEU B 143 13.12 -29.15 -9.89
N GLN B 144 13.49 -28.44 -10.95
CA GLN B 144 14.80 -28.63 -11.57
C GLN B 144 15.80 -27.62 -11.02
N SER B 145 16.26 -27.91 -9.80
CA SER B 145 17.27 -27.11 -9.13
C SER B 145 18.34 -28.05 -8.60
N PRO B 146 19.62 -27.80 -8.90
CA PRO B 146 20.68 -28.68 -8.40
C PRO B 146 20.76 -28.76 -6.90
N ASP B 147 20.45 -27.67 -6.19
CA ASP B 147 20.54 -27.60 -4.73
C ASP B 147 19.19 -27.13 -4.20
N ARG B 148 18.33 -28.09 -3.86
CA ARG B 148 17.02 -27.74 -3.29
C ARG B 148 17.17 -27.05 -1.94
N ALA B 149 18.10 -27.53 -1.11
CA ALA B 149 18.34 -26.88 0.17
C ALA B 149 18.85 -25.46 -0.03
N GLY B 150 19.77 -25.26 -0.98
CA GLY B 150 20.21 -23.92 -1.30
C GLY B 150 19.09 -23.07 -1.87
N PHE B 151 18.22 -23.67 -2.68
CA PHE B 151 17.08 -22.95 -3.21
C PHE B 151 16.18 -22.44 -2.08
N MET B 152 15.91 -23.29 -1.10
CA MET B 152 15.04 -22.88 0.00
C MET B 152 15.72 -21.86 0.91
N GLN B 153 17.03 -22.01 1.11
CA GLN B 153 17.76 -21.02 1.90
C GLN B 153 17.77 -19.67 1.21
N ALA B 154 17.78 -19.66 -0.13
CA ALA B 154 17.68 -18.39 -0.85
C ALA B 154 16.26 -17.83 -0.79
N CYS B 155 15.26 -18.71 -0.90
CA CYS B 155 13.87 -18.27 -0.83
C CYS B 155 13.52 -17.70 0.54
N GLU B 156 14.19 -18.18 1.59
CA GLU B 156 13.94 -17.64 2.93
C GLU B 156 14.28 -16.16 2.99
N SER B 157 15.41 -15.76 2.41
CA SER B 157 15.78 -14.35 2.39
C SER B 157 15.02 -13.57 1.32
N ALA B 158 14.70 -14.21 0.19
CA ALA B 158 14.08 -13.47 -0.91
C ALA B 158 12.61 -13.17 -0.63
N TYR B 159 11.92 -14.02 0.11
CA TYR B 159 10.49 -13.87 0.34
C TYR B 159 10.21 -13.83 1.84
N SER B 160 9.09 -13.20 2.18
CA SER B 160 8.61 -13.16 3.56
C SER B 160 7.59 -14.27 3.78
N SER B 161 7.59 -14.82 4.99
CA SER B 161 6.74 -15.94 5.35
C SER B 161 5.70 -15.52 6.38
N TRP B 162 4.49 -16.04 6.24
CA TRP B 162 3.39 -15.75 7.13
C TRP B 162 2.97 -17.04 7.83
N LYS B 163 1.86 -16.98 8.57
CA LYS B 163 1.35 -18.18 9.20
C LYS B 163 -0.17 -18.11 9.27
N PHE B 164 -0.80 -19.28 9.27
CA PHE B 164 -2.23 -19.41 9.45
C PHE B 164 -2.52 -20.30 10.65
N SER B 165 -3.51 -19.92 11.43
CA SER B 165 -3.80 -20.58 12.70
C SER B 165 -4.80 -21.72 12.53
N GLY B 166 -4.87 -22.55 13.55
CA GLY B 166 -5.90 -23.59 13.61
C GLY B 166 -7.22 -23.03 14.07
N GLY B 167 -8.27 -23.80 13.82
CA GLY B 167 -9.60 -23.34 14.15
C GLY B 167 -10.16 -22.30 13.21
N PHE B 168 -9.48 -22.04 12.10
CA PHE B 168 -9.94 -21.11 11.08
C PHE B 168 -9.86 -21.75 9.72
N ARG B 169 -10.37 -21.03 8.73
CA ARG B 169 -10.09 -21.29 7.32
C ARG B 169 -9.52 -20.00 6.74
N THR B 170 -8.19 -19.93 6.71
CA THR B 170 -7.52 -18.74 6.21
C THR B 170 -7.58 -18.72 4.69
N TRP B 171 -8.25 -17.71 4.14
CA TRP B 171 -8.35 -17.54 2.70
C TRP B 171 -7.31 -16.50 2.27
N VAL B 172 -6.28 -16.97 1.59
CA VAL B 172 -5.13 -16.13 1.24
C VAL B 172 -5.29 -15.70 -0.21
N LYS B 173 -5.45 -14.40 -0.43
CA LYS B 173 -5.45 -13.82 -1.77
C LYS B 173 -4.03 -13.31 -2.03
N MET B 174 -3.37 -13.91 -3.02
CA MET B 174 -1.96 -13.62 -3.30
C MET B 174 -1.81 -13.01 -4.68
N SER B 175 -0.88 -12.06 -4.79
CA SER B 175 -0.61 -11.35 -6.03
C SER B 175 0.90 -11.13 -6.14
N LEU B 176 1.34 -10.85 -7.37
CA LEU B 176 2.76 -10.77 -7.68
C LEU B 176 3.17 -9.32 -7.92
N VAL B 177 4.28 -8.92 -7.30
CA VAL B 177 4.86 -7.59 -7.48
C VAL B 177 6.29 -7.77 -7.96
N GLU B 178 6.58 -7.25 -9.14
CA GLU B 178 7.90 -7.34 -9.76
C GLU B 178 8.55 -5.95 -9.64
N THR B 179 9.54 -5.85 -8.76
CA THR B 179 10.29 -4.61 -8.59
C THR B 179 11.52 -4.67 -9.47
N LYS B 180 11.57 -3.81 -10.49
CA LYS B 180 12.73 -3.73 -11.38
C LYS B 180 13.75 -2.81 -10.75
N GLU B 181 14.78 -3.39 -10.13
CA GLU B 181 15.79 -2.60 -9.46
C GLU B 181 16.65 -1.86 -10.48
N GLU B 182 17.36 -0.83 -10.00
CA GLU B 182 18.21 -0.04 -10.87
C GLU B 182 19.28 -0.88 -11.55
N ASP B 183 19.70 -1.97 -10.91
CA ASP B 183 20.67 -2.89 -11.48
C ASP B 183 20.03 -3.95 -12.38
N GLY B 184 18.77 -3.78 -12.74
CA GLY B 184 18.08 -4.77 -13.55
C GLY B 184 17.88 -6.10 -12.86
N ARG B 185 17.59 -6.08 -11.56
CA ARG B 185 17.41 -7.31 -10.81
C ARG B 185 16.08 -8.00 -11.13
N GLU B 186 15.03 -7.22 -11.34
CA GLU B 186 13.68 -7.76 -11.59
C GLU B 186 13.26 -8.73 -10.48
N ALA B 187 13.34 -8.25 -9.25
CA ALA B 187 13.02 -9.08 -8.10
C ALA B 187 11.52 -9.29 -8.00
N VAL B 188 11.10 -10.55 -7.97
CA VAL B 188 9.69 -10.92 -7.91
C VAL B 188 9.34 -11.25 -6.47
N GLU B 189 8.23 -10.70 -5.99
CA GLU B 189 7.81 -10.91 -4.60
C GLU B 189 6.31 -11.14 -4.56
N PHE B 190 5.86 -11.70 -3.44
CA PHE B 190 4.47 -12.04 -3.23
C PHE B 190 3.86 -11.10 -2.19
N ARG B 191 2.69 -10.56 -2.51
CA ARG B 191 1.85 -9.90 -1.51
C ARG B 191 0.62 -10.74 -1.29
N GLN B 192 0.08 -10.69 -0.07
CA GLN B 192 -1.05 -11.55 0.25
C GLN B 192 -1.90 -10.88 1.32
N GLU B 193 -3.22 -11.07 1.21
CA GLU B 193 -4.16 -10.60 2.21
C GLU B 193 -5.11 -11.72 2.57
N THR B 194 -5.36 -11.89 3.87
CA THR B 194 -6.11 -13.02 4.40
C THR B 194 -7.51 -12.61 4.80
N SER B 195 -8.31 -13.62 5.13
CA SER B 195 -9.64 -13.43 5.71
C SER B 195 -9.94 -14.69 6.52
N VAL B 196 -9.77 -14.61 7.83
CA VAL B 196 -9.94 -15.77 8.69
C VAL B 196 -11.42 -15.94 9.00
N VAL B 197 -11.93 -17.15 8.78
CA VAL B 197 -13.32 -17.50 9.02
C VAL B 197 -13.36 -18.64 10.02
N ASN B 198 -14.21 -18.49 11.04
CA ASN B 198 -14.27 -19.49 12.11
C ASN B 198 -14.69 -20.86 11.57
N TYR B 199 -14.15 -21.89 12.19
CA TYR B 199 -14.49 -23.27 11.86
C TYR B 199 -15.50 -23.77 12.88
N ILE B 200 -16.69 -24.15 12.41
CA ILE B 200 -17.75 -24.64 13.29
C ILE B 200 -17.44 -26.10 13.60
N ASP B 201 -16.85 -26.35 14.76
CA ASP B 201 -16.39 -27.69 15.12
C ASP B 201 -17.59 -28.56 15.45
N GLN B 202 -18.06 -29.31 14.46
CA GLN B 202 -19.17 -30.24 14.64
C GLN B 202 -18.72 -31.66 14.94
N ARG B 203 -17.41 -31.88 15.08
CA ARG B 203 -16.90 -33.22 15.37
C ARG B 203 -17.28 -33.62 16.80
N PRO B 204 -17.33 -34.92 17.08
CA PRO B 204 -17.62 -35.37 18.45
C PRO B 204 -16.55 -34.89 19.42
N ALA B 205 -16.98 -34.70 20.68
CA ALA B 205 -16.09 -34.16 21.70
C ALA B 205 -14.88 -35.04 21.96
N ALA B 206 -14.96 -36.34 21.63
CA ALA B 206 -13.80 -37.22 21.81
C ALA B 206 -12.66 -36.81 20.89
N GLU B 207 -12.96 -36.44 19.65
CA GLU B 207 -11.95 -36.05 18.68
C GLU B 207 -11.68 -34.56 18.65
N LYS B 208 -12.34 -33.78 19.52
CA LYS B 208 -12.13 -32.34 19.54
C LYS B 208 -10.77 -31.94 20.09
N SER B 209 -10.02 -32.87 20.68
CA SER B 209 -8.69 -32.54 21.18
C SER B 209 -7.75 -32.16 20.05
N ALA B 210 -7.83 -32.89 18.94
CA ALA B 210 -7.00 -32.56 17.78
C ALA B 210 -7.41 -31.23 17.17
N GLN B 211 -6.44 -30.51 16.64
CA GLN B 211 -6.65 -29.19 16.08
C GLN B 211 -6.62 -29.25 14.56
N LEU B 212 -7.50 -28.50 13.92
CA LEU B 212 -7.67 -28.55 12.47
C LEU B 212 -7.26 -27.22 11.85
N PHE B 213 -6.44 -27.29 10.80
CA PHE B 213 -6.02 -26.12 10.05
C PHE B 213 -6.57 -26.21 8.64
N PHE B 214 -7.29 -25.19 8.22
CA PHE B 214 -7.79 -25.06 6.86
C PHE B 214 -7.21 -23.80 6.23
N VAL B 215 -6.77 -23.92 4.97
CA VAL B 215 -6.22 -22.75 4.27
C VAL B 215 -6.57 -22.86 2.79
N VAL B 216 -6.88 -21.73 2.17
CA VAL B 216 -7.25 -21.66 0.76
C VAL B 216 -6.34 -20.64 0.09
N PHE B 217 -5.73 -21.03 -1.03
CA PHE B 217 -4.86 -20.16 -1.80
C PHE B 217 -5.47 -19.92 -3.18
N GLU B 218 -5.57 -18.63 -3.56
CA GLU B 218 -5.86 -18.26 -4.94
C GLU B 218 -5.21 -16.92 -5.25
N TRP B 219 -5.30 -16.55 -6.52
CA TRP B 219 -4.87 -15.22 -6.97
C TRP B 219 -6.05 -14.26 -6.90
N LYS B 220 -5.83 -13.10 -6.29
CA LYS B 220 -6.92 -12.14 -6.15
C LYS B 220 -7.32 -11.51 -7.48
N ASP B 221 -6.36 -11.29 -8.37
CA ASP B 221 -6.64 -10.72 -9.68
C ASP B 221 -5.54 -11.14 -10.64
N PRO B 222 -5.82 -11.19 -11.94
CA PRO B 222 -4.80 -11.58 -12.93
C PRO B 222 -3.94 -10.41 -13.37
N PHE B 223 -3.42 -9.67 -12.40
CA PHE B 223 -2.58 -8.50 -12.66
C PHE B 223 -1.30 -8.59 -11.86
N ILE B 224 -0.16 -8.50 -12.53
CA ILE B 224 1.14 -8.42 -11.89
C ILE B 224 1.54 -6.95 -11.84
N GLN B 225 1.87 -6.47 -10.63
CA GLN B 225 2.22 -5.07 -10.47
C GLN B 225 3.72 -4.89 -10.58
N LYS B 226 4.15 -4.14 -11.60
CA LYS B 226 5.56 -3.89 -11.84
C LYS B 226 5.91 -2.49 -11.34
N VAL B 227 6.88 -2.42 -10.45
CA VAL B 227 7.31 -1.16 -9.83
C VAL B 227 8.73 -0.87 -10.27
N GLN B 228 8.95 0.31 -10.84
CA GLN B 228 10.24 0.70 -11.38
C GLN B 228 10.65 2.04 -10.80
N ASP B 229 11.96 2.26 -10.76
CA ASP B 229 12.52 3.54 -10.34
C ASP B 229 13.05 4.29 -11.56
N ILE B 230 12.62 5.53 -11.72
CA ILE B 230 13.00 6.37 -12.85
C ILE B 230 13.91 7.47 -12.33
N ILE B 231 15.06 7.63 -12.98
CA ILE B 231 16.01 8.68 -12.67
C ILE B 231 15.62 9.92 -13.47
N THR B 232 15.17 10.96 -12.77
CA THR B 232 14.78 12.20 -13.43
C THR B 232 15.94 13.11 -13.74
N ALA B 233 17.16 12.73 -13.36
CA ALA B 233 18.36 13.54 -13.62
C ALA B 233 19.01 13.05 -14.91
N ASN B 234 18.88 13.83 -15.98
CA ASN B 234 19.49 13.49 -17.26
C ASN B 234 20.64 14.45 -17.52
N PRO B 235 21.88 13.98 -17.59
CA PRO B 235 23.00 14.91 -17.84
C PRO B 235 22.90 15.62 -19.17
N TRP B 236 22.42 14.96 -20.21
CA TRP B 236 22.39 15.57 -21.53
C TRP B 236 21.34 16.67 -21.62
N ASN B 237 20.18 16.46 -20.97
CA ASN B 237 19.18 17.52 -20.90
C ASN B 237 19.71 18.72 -20.13
N THR B 238 20.45 18.47 -19.05
CA THR B 238 21.09 19.57 -18.31
C THR B 238 22.07 20.32 -19.19
N ILE B 239 22.86 19.60 -19.98
CA ILE B 239 23.82 20.26 -20.88
C ILE B 239 23.08 21.10 -21.91
N ALA B 240 21.98 20.58 -22.45
CA ALA B 240 21.20 21.33 -23.43
C ALA B 240 20.62 22.60 -22.82
N LEU B 241 20.08 22.50 -21.61
CA LEU B 241 19.55 23.69 -20.93
C LEU B 241 20.64 24.72 -20.70
N LEU B 242 21.81 24.27 -20.22
CA LEU B 242 22.90 25.20 -19.98
C LEU B 242 23.36 25.87 -21.28
N CYS B 243 23.44 25.11 -22.36
CA CYS B 243 23.83 25.67 -23.65
C CYS B 243 22.82 26.70 -24.13
N GLY B 244 21.53 26.40 -24.00
CA GLY B 244 20.51 27.36 -24.40
C GLY B 244 20.58 28.64 -23.60
N ALA B 245 20.77 28.51 -22.27
CA ALA B 245 20.88 29.70 -21.43
C ALA B 245 22.12 30.52 -21.79
N PHE B 246 23.24 29.85 -22.04
CA PHE B 246 24.46 30.56 -22.40
C PHE B 246 24.29 31.30 -23.72
N LEU B 247 23.64 30.66 -24.70
CA LEU B 247 23.37 31.32 -25.97
C LEU B 247 22.46 32.52 -25.80
N ALA B 248 21.42 32.40 -24.97
CA ALA B 248 20.53 33.52 -24.72
C ALA B 248 21.30 34.67 -24.09
N LEU B 249 22.17 34.37 -23.13
CA LEU B 249 22.98 35.42 -22.52
C LEU B 249 23.91 36.08 -23.53
N PHE B 250 24.53 35.28 -24.40
CA PHE B 250 25.43 35.85 -25.40
C PHE B 250 24.70 36.77 -26.36
N LYS B 251 23.52 36.36 -26.82
CA LYS B 251 22.75 37.23 -27.70
C LYS B 251 22.22 38.46 -26.98
N ALA B 252 21.90 38.33 -25.69
CA ALA B 252 21.52 39.50 -24.91
C ALA B 252 22.67 40.48 -24.80
N ALA B 253 23.89 39.98 -24.60
CA ALA B 253 25.06 40.86 -24.55
C ALA B 253 25.29 41.54 -25.91
N GLU B 254 25.11 40.80 -27.00
CA GLU B 254 25.26 41.40 -28.32
C GLU B 254 24.22 42.50 -28.55
N PHE B 255 22.98 42.25 -28.15
CA PHE B 255 21.96 43.29 -28.27
C PHE B 255 22.24 44.48 -27.37
N ALA B 256 22.82 44.25 -26.20
CA ALA B 256 23.23 45.35 -25.33
C ALA B 256 24.31 46.19 -25.99
N LYS B 257 25.27 45.54 -26.65
CA LYS B 257 26.30 46.28 -27.39
C LYS B 257 25.66 47.08 -28.52
N LEU B 258 24.69 46.49 -29.21
CA LEU B 258 23.99 47.21 -30.27
C LEU B 258 23.26 48.43 -29.73
N SER B 259 22.60 48.28 -28.58
CA SER B 259 21.91 49.40 -27.96
C SER B 259 22.90 50.49 -27.54
N VAL B 260 24.06 50.09 -27.03
CA VAL B 260 25.08 51.06 -26.65
C VAL B 260 25.55 51.86 -27.87
N LYS B 261 25.82 51.15 -28.96
CA LYS B 261 26.28 51.85 -30.16
C LYS B 261 25.16 52.58 -30.89
N TRP B 262 23.90 52.35 -30.52
CA TRP B 262 22.77 53.04 -31.14
C TRP B 262 22.38 54.28 -30.34
N MET B 263 21.98 54.10 -29.08
CA MET B 263 21.56 55.21 -28.23
C MET B 263 22.50 55.45 -27.06
N ALA B 264 22.78 54.44 -26.26
CA ALA B 264 23.61 54.61 -25.07
C ALA B 264 25.07 54.88 -25.45
N LEU C 1 41.99 20.39 -46.00
CA LEU C 1 43.06 20.50 -45.02
C LEU C 1 42.76 21.57 -43.99
N LEU C 2 41.67 21.38 -43.24
CA LEU C 2 41.22 22.31 -42.22
C LEU C 2 41.09 21.56 -40.89
N ILE C 3 40.51 22.24 -39.90
CA ILE C 3 40.30 21.62 -38.59
C ILE C 3 39.35 20.44 -38.71
N PHE C 4 38.34 20.55 -39.56
CA PHE C 4 37.35 19.48 -39.77
C PHE C 4 36.65 19.10 -38.47
N ILE C 5 36.44 20.09 -37.60
CA ILE C 5 35.65 19.89 -36.39
C ILE C 5 34.16 19.75 -36.71
N TYR C 6 33.76 20.07 -37.94
CA TYR C 6 32.37 19.88 -38.34
C TYR C 6 31.97 18.41 -38.26
N LEU C 7 32.91 17.50 -38.53
CA LEU C 7 32.61 16.07 -38.40
C LEU C 7 32.32 15.69 -36.96
N LEU C 8 33.14 16.18 -36.02
CA LEU C 8 32.89 15.93 -34.61
C LEU C 8 31.58 16.55 -34.17
N LEU C 9 31.27 17.74 -34.68
CA LEU C 9 30.01 18.40 -34.36
C LEU C 9 28.82 17.58 -34.85
N MET C 10 28.91 17.05 -36.07
CA MET C 10 27.85 16.21 -36.61
C MET C 10 27.69 14.94 -35.78
N ALA C 11 28.81 14.34 -35.37
CA ALA C 11 28.73 13.14 -34.52
C ALA C 11 28.07 13.46 -33.19
N VAL C 12 28.43 14.59 -32.59
CA VAL C 12 27.81 14.99 -31.32
C VAL C 12 26.33 15.23 -31.49
N ALA C 13 25.93 15.89 -32.58
CA ALA C 13 24.52 16.12 -32.84
C ALA C 13 23.77 14.81 -33.03
N VAL C 14 24.35 13.87 -33.77
CA VAL C 14 23.69 12.59 -34.00
C VAL C 14 23.52 11.84 -32.68
N PHE C 15 24.57 11.79 -31.86
CA PHE C 15 24.49 11.11 -30.58
C PHE C 15 23.45 11.78 -29.67
N LEU C 16 23.41 13.11 -29.66
CA LEU C 16 22.50 13.82 -28.80
C LEU C 16 21.05 13.60 -29.22
N VAL C 17 20.77 13.64 -30.52
CA VAL C 17 19.43 13.36 -31.01
C VAL C 17 19.04 11.92 -30.69
N TYR C 18 19.96 10.98 -30.88
CA TYR C 18 19.66 9.58 -30.59
C TYR C 18 19.30 9.39 -29.12
N GLN C 19 20.11 9.95 -28.22
CA GLN C 19 19.83 9.76 -26.80
C GLN C 19 18.55 10.50 -26.39
N THR C 20 18.26 11.64 -27.02
CA THR C 20 17.01 12.33 -26.73
C THR C 20 15.79 11.52 -27.16
N ILE C 21 15.87 10.91 -28.34
CA ILE C 21 14.77 10.05 -28.79
C ILE C 21 14.60 8.86 -27.87
N MET C 22 15.71 8.24 -27.47
CA MET C 22 15.62 7.10 -26.55
C MET C 22 15.02 7.51 -25.20
N ASP C 23 15.45 8.66 -24.68
CA ASP C 23 14.90 9.15 -23.42
C ASP C 23 13.41 9.44 -23.54
N PHE C 24 12.99 10.06 -24.64
CA PHE C 24 11.58 10.32 -24.84
C PHE C 24 10.78 9.03 -24.93
N ARG C 25 11.30 8.03 -25.64
CA ARG C 25 10.59 6.76 -25.75
C ARG C 25 10.45 6.10 -24.39
N GLU C 26 11.52 6.08 -23.59
CA GLU C 26 11.43 5.38 -22.31
C GLU C 26 10.60 6.16 -21.30
N LYS C 27 10.55 7.49 -21.43
CA LYS C 27 9.69 8.28 -20.55
C LYS C 27 8.22 8.13 -20.94
N LEU C 28 7.93 8.05 -22.24
CA LEU C 28 6.55 7.81 -22.67
C LEU C 28 6.10 6.40 -22.31
N LYS C 29 7.02 5.44 -22.29
CA LYS C 29 6.66 4.08 -21.90
C LYS C 29 6.26 3.99 -20.44
N HIS C 30 6.93 4.75 -19.56
CA HIS C 30 6.79 4.61 -18.12
C HIS C 30 6.29 5.92 -17.51
N PRO C 31 4.98 6.13 -17.41
CA PRO C 31 4.48 7.29 -16.69
C PRO C 31 4.71 7.16 -15.19
N VAL C 32 4.90 8.30 -14.53
CA VAL C 32 5.09 8.32 -13.09
C VAL C 32 3.73 8.43 -12.41
N MET C 33 3.71 8.18 -11.11
CA MET C 33 2.47 8.29 -10.35
C MET C 33 2.53 9.43 -9.34
N SER C 34 1.40 10.09 -9.17
CA SER C 34 1.26 11.17 -8.18
C SER C 34 0.08 10.83 -7.28
N VAL C 35 0.26 11.02 -5.98
CA VAL C 35 -0.77 10.77 -4.98
C VAL C 35 -1.09 12.08 -4.28
N SER C 36 -2.38 12.35 -4.10
CA SER C 36 -2.85 13.53 -3.40
C SER C 36 -4.00 13.13 -2.48
N TYR C 37 -4.30 13.98 -1.50
CA TYR C 37 -5.34 13.71 -0.52
C TYR C 37 -6.32 14.86 -0.50
N LYS C 38 -7.59 14.56 -0.75
CA LYS C 38 -8.66 15.56 -0.71
C LYS C 38 -9.46 15.35 0.56
N GLU C 39 -9.55 16.40 1.38
CA GLU C 39 -10.29 16.30 2.63
C GLU C 39 -11.76 16.62 2.41
N VAL C 40 -12.62 15.70 2.82
CA VAL C 40 -14.07 15.87 2.72
C VAL C 40 -14.66 15.81 4.12
N ASP C 41 -15.48 16.80 4.46
CA ASP C 41 -16.10 16.83 5.79
C ASP C 41 -17.16 15.75 5.93
N ARG C 42 -17.91 15.47 4.86
CA ARG C 42 -18.97 14.47 4.89
C ARG C 42 -18.94 13.68 3.59
N TYR C 43 -18.60 12.40 3.69
CA TYR C 43 -18.66 11.52 2.53
C TYR C 43 -20.10 11.37 2.06
N ASP C 44 -20.27 11.14 0.75
CA ASP C 44 -21.54 10.70 0.23
C ASP C 44 -21.84 9.30 0.76
N ALA C 45 -23.10 9.05 1.06
CA ALA C 45 -23.46 7.80 1.72
C ALA C 45 -23.16 6.62 0.82
N PRO C 46 -22.29 5.70 1.25
CA PRO C 46 -21.96 4.54 0.42
C PRO C 46 -23.07 3.51 0.46
N GLY C 47 -23.04 2.62 -0.54
CA GLY C 47 -23.96 1.50 -0.58
C GLY C 47 -23.23 0.22 -0.20
N ILE C 48 -23.80 -0.50 0.76
CA ILE C 48 -23.23 -1.77 1.23
C ILE C 48 -24.14 -2.89 0.76
N ALA C 49 -23.73 -3.61 -0.27
CA ALA C 49 -24.49 -4.73 -0.79
C ALA C 49 -24.06 -5.99 -0.03
N LEU C 50 -24.89 -6.41 0.92
CA LEU C 50 -24.66 -7.63 1.67
C LEU C 50 -25.34 -8.80 0.96
N TYR C 51 -24.79 -9.99 1.14
CA TYR C 51 -25.28 -11.20 0.48
C TYR C 51 -25.57 -12.27 1.52
N PRO C 52 -26.65 -12.11 2.29
CA PRO C 52 -27.03 -13.16 3.25
C PRO C 52 -27.68 -14.32 2.54
N GLY C 53 -27.12 -15.52 2.71
CA GLY C 53 -27.70 -16.71 2.11
C GLY C 53 -29.07 -17.01 2.67
N GLN C 54 -29.10 -17.39 3.95
CA GLN C 54 -30.35 -17.62 4.66
C GLN C 54 -30.47 -16.83 5.96
N ALA C 55 -29.38 -16.22 6.44
CA ALA C 55 -29.44 -15.44 7.67
C ALA C 55 -30.28 -14.18 7.47
N GLN C 56 -31.10 -13.86 8.46
CA GLN C 56 -31.94 -12.68 8.42
C GLN C 56 -31.30 -11.56 9.25
N LEU C 57 -31.45 -10.33 8.77
CA LEU C 57 -30.86 -9.18 9.44
C LEU C 57 -31.62 -8.92 10.73
N LEU C 58 -31.07 -9.38 11.85
CA LEU C 58 -31.71 -9.13 13.14
C LEU C 58 -31.75 -7.65 13.46
N SER C 59 -30.59 -6.98 13.38
CA SER C 59 -30.53 -5.58 13.79
C SER C 59 -29.60 -4.81 12.88
N CYS C 60 -29.88 -3.52 12.74
CA CYS C 60 -29.01 -2.61 12.00
C CYS C 60 -29.31 -1.20 12.45
N LYS C 61 -28.27 -0.45 12.82
CA LYS C 61 -28.46 0.89 13.34
C LYS C 61 -27.31 1.80 12.94
N HIS C 62 -27.58 3.10 12.97
CA HIS C 62 -26.56 4.13 12.81
C HIS C 62 -26.13 4.61 14.19
N TYR C 63 -24.94 4.20 14.59
CA TYR C 63 -24.39 4.54 15.89
C TYR C 63 -23.34 5.63 15.76
N TYR C 64 -22.64 5.90 16.86
CA TYR C 64 -21.59 6.90 16.90
C TYR C 64 -20.38 6.27 17.60
N GLU C 65 -19.42 7.10 18.01
CA GLU C 65 -18.09 6.64 18.41
C GLU C 65 -18.10 5.41 19.31
N VAL C 66 -19.19 5.18 20.06
CA VAL C 66 -19.33 3.96 20.85
C VAL C 66 -20.58 3.21 20.43
N ILE C 67 -20.57 1.90 20.65
CA ILE C 67 -21.74 1.04 20.52
C ILE C 67 -22.14 0.60 21.92
N PRO C 68 -23.33 0.94 22.40
CA PRO C 68 -23.76 0.42 23.69
C PRO C 68 -23.89 -1.09 23.65
N PRO C 69 -23.69 -1.76 24.78
CA PRO C 69 -23.77 -3.23 24.79
C PRO C 69 -25.15 -3.71 24.34
N LEU C 70 -25.15 -4.83 23.63
CA LEU C 70 -26.39 -5.38 23.09
C LEU C 70 -27.35 -5.77 24.23
N ARG C 71 -28.60 -5.33 24.10
CA ARG C 71 -29.60 -5.70 25.10
C ARG C 71 -30.02 -7.16 24.93
N SER C 72 -30.11 -7.63 23.70
CA SER C 72 -30.40 -9.04 23.42
C SER C 72 -29.43 -9.51 22.34
N PRO C 73 -28.42 -10.30 22.68
CA PRO C 73 -27.36 -10.62 21.72
C PRO C 73 -27.85 -11.35 20.47
N GLY C 74 -28.84 -12.22 20.58
CA GLY C 74 -29.22 -13.05 19.45
C GLY C 74 -30.70 -13.15 19.17
N GLN C 75 -31.43 -12.09 19.43
CA GLN C 75 -32.87 -12.04 19.20
C GLN C 75 -33.20 -10.88 18.27
N PRO C 76 -34.31 -10.96 17.53
CA PRO C 76 -34.66 -9.88 16.58
C PRO C 76 -34.77 -8.53 17.27
N GLY C 77 -34.00 -7.57 16.79
CA GLY C 77 -34.00 -6.23 17.34
C GLY C 77 -34.76 -5.25 16.48
N ASP C 78 -34.14 -4.10 16.20
CA ASP C 78 -34.76 -3.04 15.41
C ASP C 78 -33.85 -2.67 14.25
N VAL C 79 -34.41 -2.66 13.05
CA VAL C 79 -33.70 -2.17 11.86
C VAL C 79 -34.03 -0.70 11.70
N ASN C 80 -33.01 0.15 11.71
CA ASN C 80 -33.20 1.59 11.82
C ASN C 80 -32.33 2.32 10.79
N CYS C 81 -32.41 1.90 9.53
CA CYS C 81 -31.78 2.63 8.45
C CYS C 81 -32.54 2.33 7.16
N THR C 82 -32.07 2.94 6.07
CA THR C 82 -32.65 2.73 4.76
C THR C 82 -32.00 1.51 4.10
N THR C 83 -32.78 0.45 3.89
CA THR C 83 -32.29 -0.75 3.24
C THR C 83 -33.21 -1.12 2.09
N GLN C 84 -32.62 -1.61 1.00
CA GLN C 84 -33.34 -2.09 -0.17
C GLN C 84 -32.92 -3.52 -0.46
N ARG C 85 -33.67 -4.17 -1.35
CA ARG C 85 -33.34 -5.52 -1.78
C ARG C 85 -33.38 -5.58 -3.29
N VAL C 86 -32.38 -6.22 -3.89
CA VAL C 86 -32.33 -6.40 -5.34
C VAL C 86 -31.98 -7.85 -5.65
N ASN C 87 -32.37 -8.28 -6.85
CA ASN C 87 -32.04 -9.60 -7.35
C ASN C 87 -31.42 -9.43 -8.74
N TYR C 88 -30.28 -10.08 -8.96
CA TYR C 88 -29.62 -9.97 -10.25
C TYR C 88 -28.91 -11.29 -10.55
N THR C 89 -28.11 -11.30 -11.61
CA THR C 89 -27.40 -12.49 -12.06
C THR C 89 -25.90 -12.23 -12.00
N ASP C 90 -25.15 -13.25 -11.58
CA ASP C 90 -23.71 -13.11 -11.50
C ASP C 90 -23.13 -12.86 -12.89
N PRO C 91 -22.36 -11.78 -13.08
CA PRO C 91 -21.77 -11.54 -14.41
C PRO C 91 -20.87 -12.66 -14.88
N PHE C 92 -20.18 -13.35 -13.96
CA PHE C 92 -19.29 -14.43 -14.37
C PHE C 92 -20.06 -15.60 -14.95
N SER C 93 -21.08 -16.06 -14.23
CA SER C 93 -21.91 -17.18 -14.67
C SER C 93 -23.37 -16.79 -14.61
N ASN C 94 -24.07 -16.93 -15.73
CA ASN C 94 -25.47 -16.51 -15.84
C ASN C 94 -26.44 -17.54 -15.28
N GLN C 95 -25.97 -18.56 -14.57
CA GLN C 95 -26.81 -19.61 -14.05
C GLN C 95 -27.04 -19.51 -12.54
N THR C 96 -26.66 -18.40 -11.92
CA THR C 96 -26.84 -18.20 -10.48
C THR C 96 -27.58 -16.90 -10.24
N LEU C 97 -28.51 -16.93 -9.30
CA LEU C 97 -29.29 -15.76 -8.91
C LEU C 97 -28.74 -15.23 -7.59
N LYS C 98 -28.36 -13.94 -7.58
CA LYS C 98 -27.78 -13.30 -6.41
C LYS C 98 -28.79 -12.30 -5.85
N SER C 99 -29.09 -12.43 -4.56
CA SER C 99 -29.96 -11.51 -3.86
C SER C 99 -29.11 -10.65 -2.94
N ALA C 100 -29.20 -9.33 -3.12
CA ALA C 100 -28.38 -8.37 -2.40
C ALA C 100 -29.26 -7.50 -1.53
N LEU C 101 -28.87 -7.35 -0.26
CA LEU C 101 -29.48 -6.40 0.65
C LEU C 101 -28.60 -5.15 0.69
N ILE C 102 -29.09 -4.06 0.12
CA ILE C 102 -28.34 -2.82 0.02
C ILE C 102 -28.62 -1.99 1.26
N VAL C 103 -27.56 -1.56 1.94
CA VAL C 103 -27.64 -0.82 3.19
C VAL C 103 -27.04 0.55 3.00
N ARG C 104 -27.65 1.55 3.63
CA ARG C 104 -27.21 2.94 3.59
C ARG C 104 -25.99 3.09 4.50
N GLY C 105 -24.85 3.47 3.91
CA GLY C 105 -23.63 3.58 4.67
C GLY C 105 -23.61 4.84 5.52
N PRO C 106 -22.58 4.96 6.35
CA PRO C 106 -22.46 6.16 7.20
C PRO C 106 -21.85 7.32 6.45
N ARG C 107 -22.39 8.52 6.70
CA ARG C 107 -21.95 9.73 6.03
C ARG C 107 -20.90 10.50 6.84
N GLU C 108 -21.24 10.92 8.05
CA GLU C 108 -20.35 11.77 8.83
C GLU C 108 -19.11 11.01 9.26
N VAL C 109 -17.96 11.67 9.19
CA VAL C 109 -16.70 11.14 9.69
C VAL C 109 -16.22 11.92 10.91
N GLN C 110 -16.50 13.23 10.95
CA GLN C 110 -16.13 14.03 12.11
C GLN C 110 -16.77 13.48 13.38
N LYS C 111 -18.01 13.03 13.28
CA LYS C 111 -18.71 12.40 14.39
C LYS C 111 -18.49 10.89 14.45
N ARG C 112 -17.76 10.33 13.48
CA ARG C 112 -17.48 8.90 13.39
C ARG C 112 -18.78 8.09 13.44
N GLU C 113 -19.62 8.31 12.43
CA GLU C 113 -20.86 7.58 12.32
C GLU C 113 -20.59 6.12 11.97
N LEU C 114 -21.28 5.21 12.65
CA LEU C 114 -21.13 3.78 12.45
C LEU C 114 -22.40 3.19 11.87
N VAL C 115 -22.24 2.15 11.05
CA VAL C 115 -23.35 1.28 10.67
C VAL C 115 -23.08 -0.06 11.33
N PHE C 116 -23.95 -0.45 12.26
CA PHE C 116 -23.81 -1.69 13.00
C PHE C 116 -24.86 -2.68 12.50
N LEU C 117 -24.41 -3.86 12.08
CA LEU C 117 -25.26 -4.88 11.48
C LEU C 117 -25.09 -6.19 12.22
N GLN C 118 -26.21 -6.88 12.43
CA GLN C 118 -26.24 -8.15 13.15
C GLN C 118 -27.22 -9.09 12.47
N PHE C 119 -26.69 -10.20 11.96
CA PHE C 119 -27.43 -11.28 11.31
C PHE C 119 -27.39 -12.53 12.17
N ARG C 120 -28.36 -13.41 11.95
CA ARG C 120 -28.43 -14.71 12.62
C ARG C 120 -28.80 -15.76 11.60
N LEU C 121 -27.94 -16.77 11.45
CA LEU C 121 -28.21 -17.92 10.60
C LEU C 121 -28.66 -19.07 11.50
N ASN C 122 -29.88 -19.55 11.26
CA ASN C 122 -30.51 -20.51 12.16
C ASN C 122 -29.83 -21.88 12.08
N GLN C 123 -29.88 -22.50 10.91
CA GLN C 123 -29.31 -23.82 10.73
C GLN C 123 -28.78 -23.96 9.31
N SER C 124 -27.56 -24.48 9.18
CA SER C 124 -26.97 -24.72 7.88
C SER C 124 -25.90 -25.79 8.02
N SER C 125 -25.60 -26.44 6.90
CA SER C 125 -24.56 -27.46 6.85
C SER C 125 -23.19 -26.89 6.53
N GLU C 126 -23.08 -25.59 6.31
CA GLU C 126 -21.79 -24.97 6.00
C GLU C 126 -20.85 -25.07 7.19
N ASP C 127 -19.62 -25.51 6.92
CA ASP C 127 -18.61 -25.60 7.96
C ASP C 127 -18.03 -24.25 8.31
N PHE C 128 -17.88 -23.36 7.34
CA PHE C 128 -17.30 -22.03 7.52
C PHE C 128 -18.33 -21.01 7.01
N SER C 129 -19.11 -20.45 7.92
CA SER C 129 -20.14 -19.51 7.55
C SER C 129 -19.57 -18.10 7.48
N ALA C 130 -19.95 -17.37 6.43
CA ALA C 130 -19.52 -15.99 6.26
C ALA C 130 -20.49 -15.29 5.32
N ILE C 131 -20.70 -14.00 5.56
CA ILE C 131 -21.58 -13.17 4.75
C ILE C 131 -20.70 -12.27 3.88
N ASP C 132 -20.95 -12.28 2.58
CA ASP C 132 -20.20 -11.46 1.65
C ASP C 132 -20.76 -10.05 1.61
N TYR C 133 -19.89 -9.09 1.36
CA TYR C 133 -20.30 -7.69 1.24
C TYR C 133 -19.48 -6.99 0.17
N LEU C 134 -20.16 -6.13 -0.57
CA LEU C 134 -19.57 -5.28 -1.61
C LEU C 134 -19.85 -3.84 -1.26
N LEU C 135 -18.93 -2.95 -1.58
CA LEU C 135 -19.08 -1.53 -1.28
C LEU C 135 -19.04 -0.73 -2.57
N PHE C 136 -20.05 0.11 -2.79
CA PHE C 136 -20.05 1.00 -3.93
C PHE C 136 -20.27 2.43 -3.46
N SER C 137 -19.90 3.38 -4.34
CA SER C 137 -19.65 4.75 -3.92
C SER C 137 -20.89 5.41 -3.34
N SER C 138 -22.01 5.37 -4.06
CA SER C 138 -23.18 6.14 -3.69
C SER C 138 -24.42 5.25 -3.67
N PHE C 139 -25.16 5.32 -2.56
CA PHE C 139 -26.47 4.68 -2.50
C PHE C 139 -27.51 5.47 -3.30
N GLN C 140 -27.40 6.80 -3.32
CA GLN C 140 -28.33 7.61 -4.10
C GLN C 140 -28.18 7.32 -5.59
N GLU C 141 -26.95 7.17 -6.07
CA GLU C 141 -26.74 6.80 -7.46
C GLU C 141 -27.34 5.42 -7.78
N PHE C 142 -27.56 4.60 -6.77
CA PHE C 142 -28.22 3.31 -6.94
C PHE C 142 -29.74 3.42 -6.88
N LEU C 143 -30.28 4.35 -6.09
CA LEU C 143 -31.72 4.47 -5.96
C LEU C 143 -32.37 4.86 -7.29
N GLN C 144 -31.89 5.93 -7.91
CA GLN C 144 -32.43 6.37 -9.19
C GLN C 144 -31.56 5.83 -10.33
N SER C 145 -31.71 4.52 -10.55
CA SER C 145 -31.05 3.82 -11.64
C SER C 145 -32.11 3.08 -12.44
N PRO C 146 -32.17 3.28 -13.76
CA PRO C 146 -33.19 2.57 -14.55
C PRO C 146 -33.07 1.06 -14.50
N ASP C 147 -31.86 0.53 -14.37
CA ASP C 147 -31.62 -0.91 -14.35
C ASP C 147 -30.82 -1.24 -13.08
N ARG C 148 -31.53 -1.56 -12.00
CA ARG C 148 -30.86 -1.92 -10.76
C ARG C 148 -30.04 -3.19 -10.91
N ALA C 149 -30.58 -4.19 -11.62
CA ALA C 149 -29.82 -5.40 -11.87
C ALA C 149 -28.55 -5.11 -12.68
N GLY C 150 -28.67 -4.27 -13.70
CA GLY C 150 -27.49 -3.86 -14.45
C GLY C 150 -26.53 -3.05 -13.59
N PHE C 151 -27.06 -2.22 -12.70
CA PHE C 151 -26.19 -1.45 -11.80
C PHE C 151 -25.39 -2.38 -10.91
N MET C 152 -26.03 -3.42 -10.36
CA MET C 152 -25.31 -4.34 -9.48
C MET C 152 -24.32 -5.20 -10.28
N GLN C 153 -24.70 -5.59 -11.51
CA GLN C 153 -23.78 -6.35 -12.34
C GLN C 153 -22.55 -5.53 -12.72
N ALA C 154 -22.72 -4.21 -12.88
CA ALA C 154 -21.58 -3.35 -13.14
C ALA C 154 -20.75 -3.14 -11.87
N CYS C 155 -21.41 -3.02 -10.72
CA CYS C 155 -20.70 -2.88 -9.45
C CYS C 155 -19.87 -4.12 -9.14
N GLU C 156 -20.34 -5.29 -9.59
CA GLU C 156 -19.58 -6.52 -9.37
C GLU C 156 -18.20 -6.43 -10.02
N SER C 157 -18.14 -5.94 -11.25
CA SER C 157 -16.85 -5.81 -11.93
C SER C 157 -16.07 -4.59 -11.46
N ALA C 158 -16.75 -3.50 -11.11
CA ALA C 158 -16.05 -2.27 -10.77
C ALA C 158 -15.42 -2.33 -9.38
N TYR C 159 -16.02 -3.09 -8.47
CA TYR C 159 -15.57 -3.13 -7.08
C TYR C 159 -15.25 -4.57 -6.68
N SER C 160 -14.41 -4.68 -5.66
CA SER C 160 -14.06 -5.98 -5.07
C SER C 160 -14.90 -6.22 -3.83
N SER C 161 -15.24 -7.49 -3.61
CA SER C 161 -16.12 -7.89 -2.52
C SER C 161 -15.35 -8.72 -1.50
N TRP C 162 -15.64 -8.48 -0.23
CA TRP C 162 -15.00 -9.19 0.88
C TRP C 162 -16.07 -10.00 1.61
N LYS C 163 -15.68 -10.62 2.72
CA LYS C 163 -16.64 -11.35 3.54
C LYS C 163 -16.27 -11.20 5.00
N PHE C 164 -17.28 -11.30 5.86
CA PHE C 164 -17.09 -11.30 7.30
C PHE C 164 -17.70 -12.57 7.89
N SER C 165 -17.00 -13.17 8.85
CA SER C 165 -17.36 -14.47 9.37
C SER C 165 -18.28 -14.35 10.58
N GLY C 166 -18.84 -15.51 10.98
CA GLY C 166 -19.65 -15.57 12.18
C GLY C 166 -18.80 -15.73 13.42
N GLY C 167 -19.43 -15.48 14.57
CA GLY C 167 -18.71 -15.52 15.82
C GLY C 167 -17.73 -14.39 16.02
N PHE C 168 -17.78 -13.36 15.16
CA PHE C 168 -16.88 -12.23 15.22
C PHE C 168 -17.68 -10.94 15.14
N ARG C 169 -17.01 -9.83 15.43
CA ARG C 169 -17.52 -8.50 15.10
C ARG C 169 -16.45 -7.85 14.22
N THR C 170 -16.65 -7.93 12.91
CA THR C 170 -15.71 -7.36 11.96
C THR C 170 -15.92 -5.85 11.89
N TRP C 171 -14.87 -5.10 12.22
CA TRP C 171 -14.90 -3.64 12.15
C TRP C 171 -14.20 -3.23 10.87
N VAL C 172 -14.98 -2.79 9.88
CA VAL C 172 -14.48 -2.48 8.55
C VAL C 172 -14.21 -0.99 8.48
N LYS C 173 -12.92 -0.62 8.39
CA LYS C 173 -12.52 0.75 8.15
C LYS C 173 -12.33 0.93 6.65
N MET C 174 -13.20 1.71 6.03
CA MET C 174 -13.22 1.86 4.58
C MET C 174 -12.85 3.28 4.18
N SER C 175 -12.15 3.39 3.05
CA SER C 175 -11.68 4.67 2.52
C SER C 175 -11.80 4.65 1.01
N LEU C 176 -11.81 5.84 0.42
CA LEU C 176 -12.07 6.00 -1.01
C LEU C 176 -10.79 6.35 -1.75
N VAL C 177 -10.57 5.66 -2.87
CA VAL C 177 -9.42 5.90 -3.73
C VAL C 177 -9.94 6.18 -5.14
N GLU C 178 -9.66 7.38 -5.65
CA GLU C 178 -10.07 7.78 -6.99
C GLU C 178 -8.83 7.76 -7.87
N THR C 179 -8.78 6.80 -8.78
CA THR C 179 -7.70 6.71 -9.77
C THR C 179 -8.15 7.44 -11.03
N LYS C 180 -7.46 8.53 -11.36
CA LYS C 180 -7.74 9.28 -12.58
C LYS C 180 -6.98 8.64 -13.73
N GLU C 181 -7.67 7.85 -14.54
CA GLU C 181 -7.04 7.15 -15.65
C GLU C 181 -6.64 8.15 -16.74
N GLU C 182 -5.75 7.70 -17.62
CA GLU C 182 -5.28 8.56 -18.71
C GLU C 182 -6.41 9.00 -19.61
N ASP C 183 -7.47 8.21 -19.72
CA ASP C 183 -8.65 8.56 -20.50
C ASP C 183 -9.65 9.40 -19.73
N GLY C 184 -9.26 9.91 -18.56
CA GLY C 184 -10.18 10.69 -17.74
C GLY C 184 -11.34 9.87 -17.20
N ARG C 185 -11.08 8.63 -16.80
CA ARG C 185 -12.14 7.77 -16.31
C ARG C 185 -12.58 8.15 -14.91
N GLU C 186 -11.66 8.60 -14.06
CA GLU C 186 -11.95 8.95 -12.67
C GLU C 186 -12.62 7.78 -11.95
N ALA C 187 -11.97 6.63 -12.00
CA ALA C 187 -12.53 5.41 -11.42
C ALA C 187 -12.43 5.46 -9.91
N VAL C 188 -13.57 5.35 -9.24
CA VAL C 188 -13.64 5.39 -7.78
C VAL C 188 -13.68 3.96 -7.26
N GLU C 189 -12.90 3.68 -6.22
CA GLU C 189 -12.81 2.35 -5.64
C GLU C 189 -12.73 2.46 -4.13
N PHE C 190 -12.98 1.33 -3.47
CA PHE C 190 -13.01 1.24 -2.03
C PHE C 190 -11.83 0.40 -1.53
N ARG C 191 -11.11 0.91 -0.53
CA ARG C 191 -10.17 0.12 0.23
C ARG C 191 -10.74 -0.07 1.63
N GLN C 192 -10.35 -1.16 2.28
CA GLN C 192 -10.88 -1.44 3.61
C GLN C 192 -9.89 -2.30 4.38
N GLU C 193 -9.80 -2.04 5.68
CA GLU C 193 -9.04 -2.88 6.58
C GLU C 193 -9.89 -3.21 7.79
N THR C 194 -9.89 -4.48 8.18
CA THR C 194 -10.78 -5.02 9.19
C THR C 194 -10.06 -5.30 10.49
N SER C 195 -10.84 -5.67 11.50
CA SER C 195 -10.30 -6.10 12.80
C SER C 195 -11.36 -7.00 13.42
N VAL C 196 -11.11 -8.31 13.38
CA VAL C 196 -12.07 -9.28 13.89
C VAL C 196 -11.88 -9.42 15.40
N VAL C 197 -12.98 -9.27 16.14
CA VAL C 197 -12.98 -9.37 17.59
C VAL C 197 -13.96 -10.47 17.98
N ASN C 198 -13.53 -11.37 18.86
CA ASN C 198 -14.33 -12.54 19.21
C ASN C 198 -15.64 -12.13 19.84
N TYR C 199 -16.69 -12.91 19.57
CA TYR C 199 -18.00 -12.73 20.15
C TYR C 199 -18.14 -13.68 21.33
N ILE C 200 -18.37 -13.12 22.52
CA ILE C 200 -18.48 -13.92 23.74
C ILE C 200 -19.92 -14.43 23.82
N ASP C 201 -20.12 -15.68 23.42
CA ASP C 201 -21.47 -16.24 23.36
C ASP C 201 -22.00 -16.53 24.76
N GLN C 202 -22.72 -15.58 25.34
CA GLN C 202 -23.36 -15.75 26.63
C GLN C 202 -24.79 -16.25 26.51
N ARG C 203 -25.26 -16.51 25.29
CA ARG C 203 -26.61 -17.01 25.10
C ARG C 203 -26.73 -18.44 25.64
N PRO C 204 -27.95 -18.86 25.99
CA PRO C 204 -28.13 -20.23 26.49
C PRO C 204 -27.74 -21.26 25.46
N ALA C 205 -27.29 -22.42 25.94
CA ALA C 205 -26.79 -23.47 25.07
C ALA C 205 -27.84 -23.97 24.10
N ALA C 206 -29.13 -23.81 24.42
CA ALA C 206 -30.18 -24.23 23.50
C ALA C 206 -30.14 -23.44 22.21
N GLU C 207 -29.90 -22.12 22.30
CA GLU C 207 -29.86 -21.25 21.13
C GLU C 207 -28.46 -21.07 20.57
N LYS C 208 -27.46 -21.77 21.12
CA LYS C 208 -26.09 -21.64 20.62
C LYS C 208 -25.89 -22.29 19.26
N SER C 209 -26.86 -23.05 18.78
CA SER C 209 -26.74 -23.66 17.45
C SER C 209 -26.70 -22.60 16.36
N ALA C 210 -27.53 -21.57 16.48
CA ALA C 210 -27.54 -20.50 15.50
C ALA C 210 -26.25 -19.70 15.56
N GLN C 211 -25.82 -19.21 14.39
CA GLN C 211 -24.57 -18.47 14.26
C GLN C 211 -24.86 -16.99 14.08
N LEU C 212 -24.11 -16.15 14.79
CA LEU C 212 -24.34 -14.72 14.80
C LEU C 212 -23.22 -14.01 14.05
N PHE C 213 -23.59 -13.10 13.15
CA PHE C 213 -22.64 -12.28 12.42
C PHE C 213 -22.83 -10.83 12.83
N PHE C 214 -21.75 -10.19 13.26
CA PHE C 214 -21.75 -8.77 13.59
C PHE C 214 -20.74 -8.07 12.71
N VAL C 215 -21.05 -6.84 12.29
CA VAL C 215 -20.12 -6.07 11.46
C VAL C 215 -20.39 -4.58 11.68
N VAL C 216 -19.31 -3.79 11.69
CA VAL C 216 -19.37 -2.35 11.90
C VAL C 216 -18.67 -1.68 10.74
N PHE C 217 -19.34 -0.72 10.12
CA PHE C 217 -18.80 0.04 9.00
C PHE C 217 -18.62 1.50 9.40
N GLU C 218 -17.42 2.04 9.18
CA GLU C 218 -17.19 3.47 9.30
C GLU C 218 -16.11 3.88 8.31
N TRP C 219 -15.84 5.17 8.26
CA TRP C 219 -14.73 5.71 7.49
C TRP C 219 -13.53 5.91 8.39
N LYS C 220 -12.39 5.37 7.97
CA LYS C 220 -11.20 5.45 8.82
C LYS C 220 -10.68 6.86 8.97
N ASP C 221 -10.82 7.69 7.93
CA ASP C 221 -10.39 9.09 7.99
C ASP C 221 -11.13 9.86 6.90
N PRO C 222 -11.26 11.18 7.05
CA PRO C 222 -11.96 11.99 6.03
C PRO C 222 -11.04 12.45 4.91
N PHE C 223 -10.35 11.50 4.30
CA PHE C 223 -9.42 11.79 3.21
C PHE C 223 -9.66 10.82 2.06
N ILE C 224 -9.90 11.37 0.87
CA ILE C 224 -10.02 10.59 -0.35
C ILE C 224 -8.67 10.65 -1.06
N GLN C 225 -8.12 9.48 -1.40
CA GLN C 225 -6.82 9.42 -2.02
C GLN C 225 -6.95 9.42 -3.54
N LYS C 226 -6.44 10.48 -4.18
CA LYS C 226 -6.50 10.62 -5.63
C LYS C 226 -5.15 10.21 -6.21
N VAL C 227 -5.16 9.23 -7.08
CA VAL C 227 -3.95 8.70 -7.70
C VAL C 227 -4.01 9.00 -9.20
N GLN C 228 -2.99 9.66 -9.71
CA GLN C 228 -2.94 10.05 -11.12
C GLN C 228 -1.66 9.55 -11.75
N ASP C 229 -1.69 9.36 -13.06
CA ASP C 229 -0.51 9.04 -13.84
C ASP C 229 -0.08 10.27 -14.62
N ILE C 230 1.19 10.64 -14.48
CA ILE C 230 1.76 11.82 -15.12
C ILE C 230 2.71 11.34 -16.21
N ILE C 231 2.52 11.87 -17.42
CA ILE C 231 3.39 11.56 -18.55
C ILE C 231 4.54 12.56 -18.54
N THR C 232 5.76 12.08 -18.31
CA THR C 232 6.93 12.94 -18.24
C THR C 232 7.52 13.25 -19.61
N ALA C 233 6.95 12.71 -20.68
CA ALA C 233 7.46 12.93 -22.04
C ALA C 233 6.66 14.06 -22.68
N ASN C 234 7.27 15.24 -22.78
CA ASN C 234 6.63 16.38 -23.43
C ASN C 234 7.29 16.62 -24.77
N PRO C 235 6.57 16.46 -25.89
CA PRO C 235 7.21 16.67 -27.20
C PRO C 235 7.77 18.06 -27.41
N TRP C 236 7.06 19.09 -26.93
CA TRP C 236 7.49 20.46 -27.19
C TRP C 236 8.74 20.81 -26.39
N ASN C 237 8.85 20.29 -25.17
CA ASN C 237 10.08 20.47 -24.40
C ASN C 237 11.26 19.80 -25.10
N THR C 238 11.03 18.62 -25.67
CA THR C 238 12.07 17.95 -26.43
C THR C 238 12.48 18.76 -27.66
N ILE C 239 11.50 19.35 -28.35
CA ILE C 239 11.81 20.19 -29.51
C ILE C 239 12.63 21.40 -29.08
N ALA C 240 12.28 22.03 -27.96
CA ALA C 240 13.04 23.17 -27.48
C ALA C 240 14.46 22.76 -27.11
N LEU C 241 14.63 21.62 -26.46
CA LEU C 241 15.96 21.14 -26.12
C LEU C 241 16.80 20.91 -27.37
N LEU C 242 16.22 20.24 -28.37
CA LEU C 242 16.94 19.98 -29.61
C LEU C 242 17.31 21.27 -30.31
N CYS C 243 16.39 22.24 -30.34
CA CYS C 243 16.67 23.51 -30.99
C CYS C 243 17.81 24.26 -30.29
N GLY C 244 17.77 24.30 -28.95
CA GLY C 244 18.84 24.95 -28.22
C GLY C 244 20.19 24.29 -28.44
N ALA C 245 20.21 22.96 -28.43
CA ALA C 245 21.47 22.24 -28.67
C ALA C 245 21.98 22.48 -30.09
N PHE C 246 21.07 22.49 -31.08
CA PHE C 246 21.48 22.74 -32.46
C PHE C 246 22.06 24.14 -32.60
N LEU C 247 21.45 25.13 -31.94
CA LEU C 247 21.98 26.48 -31.97
C LEU C 247 23.35 26.56 -31.30
N ALA C 248 23.52 25.85 -30.18
CA ALA C 248 24.83 25.83 -29.52
C ALA C 248 25.89 25.26 -30.44
N LEU C 249 25.55 24.17 -31.15
CA LEU C 249 26.49 23.59 -32.09
C LEU C 249 26.80 24.55 -33.23
N PHE C 250 25.78 25.25 -33.75
CA PHE C 250 26.01 26.18 -34.85
C PHE C 250 26.93 27.33 -34.42
N LYS C 251 26.70 27.89 -33.22
CA LYS C 251 27.57 28.95 -32.75
C LYS C 251 28.97 28.44 -32.44
N ALA C 252 29.09 27.20 -31.97
CA ALA C 252 30.41 26.60 -31.79
C ALA C 252 31.14 26.48 -33.11
N ALA C 253 30.44 26.08 -34.17
CA ALA C 253 31.05 26.00 -35.49
C ALA C 253 31.47 27.38 -35.99
N GLU C 254 30.64 28.40 -35.74
CA GLU C 254 31.01 29.75 -36.14
C GLU C 254 32.26 30.22 -35.40
N PHE C 255 32.34 29.95 -34.10
CA PHE C 255 33.53 30.32 -33.35
C PHE C 255 34.75 29.52 -33.79
N ALA C 256 34.56 28.27 -34.20
CA ALA C 256 35.66 27.49 -34.76
C ALA C 256 36.17 28.10 -36.05
N LYS C 257 35.26 28.57 -36.91
CA LYS C 257 35.67 29.26 -38.13
C LYS C 257 36.42 30.55 -37.80
N LEU C 258 35.94 31.28 -36.79
CA LEU C 258 36.63 32.50 -36.36
C LEU C 258 38.04 32.18 -35.87
N SER C 259 38.18 31.10 -35.09
CA SER C 259 39.50 30.71 -34.62
C SER C 259 40.41 30.30 -35.76
N VAL C 260 39.85 29.62 -36.77
CA VAL C 260 40.64 29.22 -37.94
C VAL C 260 41.14 30.46 -38.67
N LYS C 261 40.26 31.43 -38.89
CA LYS C 261 40.69 32.64 -39.60
C LYS C 261 41.51 33.58 -38.72
N TRP C 262 41.59 33.33 -37.41
CA TRP C 262 42.41 34.16 -36.53
C TRP C 262 43.80 33.56 -36.34
N MET C 263 43.88 32.34 -35.81
CA MET C 263 45.16 31.68 -35.55
C MET C 263 45.37 30.45 -36.42
N ALA C 264 44.44 29.50 -36.39
CA ALA C 264 44.60 28.25 -37.14
C ALA C 264 44.51 28.49 -38.64
#